data_1T9X
#
_entry.id   1T9X
#
_cell.length_a   144.967
_cell.length_b   144.967
_cell.length_c   519.372
_cell.angle_alpha   90.00
_cell.angle_beta   90.00
_cell.angle_gamma   120.00
#
_symmetry.space_group_name_H-M   'H 3 2'
#
loop_
_entity.id
_entity.type
_entity.pdbx_description
1 polymer 'Acriflavine resistance protein B'
2 non-polymer ETHIDIUM
#
_entity_poly.entity_id   1
_entity_poly.type   'polypeptide(L)'
_entity_poly.pdbx_seq_one_letter_code
;MPNFFIDRPIFAWVIAIIIMLAGGLAILKLPVAQYPTIAPPAVTISASYPGADAKTVQDTVTQVIEQNMNGIDNLMYMSS
NSDSTGTVQITLTFESGTDADIAQVQVQAKLQLAMPLLPQEVQQQGVSVEKSSSSFLMVVGVINTDGTMTQEDISDYVAA
NMKDAISRTSGVGDVQLFGSQYAMRIWMNPNELNKFQLTPVDVITAIKAQNAQVAAGQLGGTPPVKGQQLNASIIAQTRL
TSTEEFGKILLKVNQDGSRVLLRDVAKIELGGENYDIIAEFNGQPASGLGIKLATGANALDTAAAIRAELAKMEPFFPSG
LKIVYPYDTTPFVKISIHEVVKTLVEAIILVFLVMYLFLQNFRATLIPTIAVPVVLLGTFAVLAAFGFSINTLTMFGMVL
AIGLLVDDAIVVVENVERVMAEEGLPPKEATRKSMGQIQGALVGIAMVLSAVFVPMAFFGGSTGAIYRQFSITIVSAMAL
SVLVALILTPALCATMLKPIAKGDHGEGKKGFFGWFNRMFEKSTHHYTDSVGGILRSTGRYLVLYLIIVVGMAYLFVRLP
SSFLPDEDQGVFMTMVQLPAGATQERTQKVLNEVTHYYLTKEKNNVESVFAVNGFGFAGRGQNTGIAFVSLKDWADRPGE
ENKVEAITMRATRAFSQIKDAMVFAFNLPAIVELGTATGFDFELIDQAGLGHEKLTQARNQLLAEAAKHPDMLTSVRPNG
LEDTPQFKIDIDQEKAQALGVSINDINTTLGAAWGGSYVNDFIDRGRVKKVYVMSEAKYRMLPDDIGDWYVRAADGQMVP
FSAFSSSRWEYGSPRLERYNGLPSMEILGQAAPGKSTGEAMELMEQLASKLPTGVGYDWTGMSYQERLSGNQAPSLYAIS
LIVVFLCLAALYESWSIPFSVMLVVPLGVIGALLAATFRGLTNDVYFQVGLLTTIGLSAKNAILIVEFAKDLMDKEGKGL
IEATLDAVRMRLRPILMTSLAFILGVMPLVISTGAGSGAQNAVGTGVMGGMVTATVLAIFFVPVFFVVVRRRFSRKNEDI
EHSHTVDHH
;
_entity_poly.pdbx_strand_id   A
#
loop_
_chem_comp.id
_chem_comp.type
_chem_comp.name
_chem_comp.formula
ET non-polymer ETHIDIUM 'C21 H20 N3 1'
#
# COMPACT_ATOMS: atom_id res chain seq x y z
N ASP A 7 22.81 -38.25 -20.95
CA ASP A 7 23.59 -37.95 -22.18
C ASP A 7 25.07 -37.71 -21.81
N ARG A 8 25.59 -36.50 -22.04
CA ARG A 8 26.97 -36.17 -21.68
C ARG A 8 26.96 -35.13 -20.55
N PRO A 9 27.98 -35.14 -19.69
CA PRO A 9 27.95 -34.34 -18.46
C PRO A 9 28.17 -32.84 -18.64
N ILE A 10 29.34 -32.47 -19.14
CA ILE A 10 29.77 -31.07 -19.24
C ILE A 10 28.86 -30.11 -20.02
N PHE A 11 28.30 -30.56 -21.15
CA PHE A 11 27.48 -29.68 -22.00
C PHE A 11 26.27 -29.17 -21.22
N ALA A 12 25.76 -30.02 -20.32
CA ALA A 12 24.67 -29.66 -19.41
C ALA A 12 25.13 -28.79 -18.25
N TRP A 13 26.29 -29.12 -17.67
CA TRP A 13 26.87 -28.37 -16.54
C TRP A 13 27.25 -26.93 -16.92
N VAL A 14 27.49 -26.70 -18.21
CA VAL A 14 27.90 -25.40 -18.72
C VAL A 14 26.66 -24.54 -18.99
N ILE A 15 25.57 -25.20 -19.39
CA ILE A 15 24.25 -24.56 -19.49
C ILE A 15 23.78 -24.09 -18.12
N ALA A 16 24.07 -24.88 -17.09
CA ALA A 16 23.64 -24.59 -15.72
C ALA A 16 24.44 -23.46 -15.09
N ILE A 17 25.70 -23.31 -15.49
CA ILE A 17 26.59 -22.29 -14.93
C ILE A 17 26.31 -20.90 -15.54
N ILE A 18 25.64 -20.86 -16.69
CA ILE A 18 25.10 -19.60 -17.19
C ILE A 18 24.10 -19.05 -16.18
N ILE A 19 23.23 -19.93 -15.70
CA ILE A 19 22.19 -19.58 -14.73
C ILE A 19 22.78 -19.28 -13.34
N MET A 20 23.93 -19.88 -13.02
CA MET A 20 24.65 -19.55 -11.79
C MET A 20 25.03 -18.07 -11.79
N LEU A 21 25.40 -17.57 -12.97
CA LEU A 21 25.59 -16.14 -13.20
C LEU A 21 24.22 -15.51 -13.50
N ALA A 22 23.93 -15.18 -14.77
CA ALA A 22 22.62 -14.66 -15.21
C ALA A 22 21.53 -14.47 -14.14
N GLY A 23 21.15 -15.57 -13.48
CA GLY A 23 20.20 -15.50 -12.39
C GLY A 23 20.72 -14.76 -11.17
N GLY A 24 21.85 -15.22 -10.64
CA GLY A 24 22.57 -14.54 -9.58
C GLY A 24 22.86 -13.07 -9.82
N LEU A 25 23.29 -12.72 -11.02
CA LEU A 25 23.68 -11.33 -11.34
C LEU A 25 22.47 -10.40 -11.42
N ALA A 26 21.29 -10.96 -11.69
CA ALA A 26 20.04 -10.21 -11.64
C ALA A 26 19.73 -9.76 -10.22
N ILE A 27 20.06 -10.61 -9.24
CA ILE A 27 19.90 -10.27 -7.82
C ILE A 27 20.73 -9.04 -7.41
N LEU A 28 21.87 -8.85 -8.07
CA LEU A 28 22.70 -7.65 -7.86
C LEU A 28 22.39 -6.56 -8.90
N LYS A 29 21.13 -6.46 -9.31
CA LYS A 29 20.72 -5.53 -10.37
C LYS A 29 19.20 -5.25 -10.50
N LEU A 30 18.37 -5.91 -9.70
CA LEU A 30 16.92 -5.71 -9.78
C LEU A 30 16.33 -5.43 -8.39
N PRO A 31 15.19 -4.71 -8.34
CA PRO A 31 14.71 -4.10 -7.10
C PRO A 31 14.38 -5.10 -5.98
N VAL A 32 15.12 -5.02 -4.88
CA VAL A 32 14.86 -5.86 -3.69
C VAL A 32 13.55 -5.51 -2.98
N ALA A 33 12.94 -4.37 -3.35
CA ALA A 33 11.68 -3.90 -2.78
C ALA A 33 10.45 -4.71 -2.35
N GLN A 34 9.57 -4.06 -1.58
CA GLN A 34 8.33 -4.67 -1.08
C GLN A 34 7.30 -4.87 -2.20
N TYR A 35 6.05 -5.14 -1.81
CA TYR A 35 4.89 -5.15 -2.70
C TYR A 35 5.07 -4.24 -3.92
N PRO A 36 4.76 -4.74 -5.12
CA PRO A 36 4.91 -3.94 -6.34
C PRO A 36 3.76 -2.94 -6.51
N THR A 37 3.76 -2.20 -7.61
CA THR A 37 2.69 -1.26 -7.91
C THR A 37 1.41 -2.01 -8.25
N ILE A 38 0.30 -1.64 -7.60
CA ILE A 38 -0.99 -2.27 -7.84
C ILE A 38 -2.19 -1.31 -7.79
N ALA A 39 -2.13 -0.31 -6.91
CA ALA A 39 -3.16 0.73 -6.88
C ALA A 39 -3.11 1.48 -8.20
N PRO A 40 -4.23 1.53 -8.92
CA PRO A 40 -4.29 2.27 -10.19
C PRO A 40 -3.80 3.70 -9.99
N PRO A 41 -2.74 4.11 -10.68
CA PRO A 41 -1.98 5.30 -10.27
C PRO A 41 -2.74 6.60 -10.52
N ALA A 42 -2.59 7.56 -9.61
CA ALA A 42 -3.38 8.80 -9.65
C ALA A 42 -2.54 10.05 -9.37
N VAL A 43 -3.09 11.18 -9.81
CA VAL A 43 -2.45 12.49 -9.68
C VAL A 43 -3.26 13.33 -8.68
N THR A 44 -2.62 14.31 -8.05
CA THR A 44 -3.25 15.10 -6.99
C THR A 44 -2.96 16.59 -7.16
N ILE A 45 -4.02 17.38 -7.30
CA ILE A 45 -3.92 18.84 -7.38
C ILE A 45 -4.05 19.39 -5.96
N SER A 46 -3.44 20.55 -5.70
CA SER A 46 -3.44 21.13 -4.36
C SER A 46 -3.13 22.63 -4.35
N ALA A 47 -4.17 23.44 -4.16
CA ALA A 47 -4.03 24.89 -4.02
C ALA A 47 -4.16 25.30 -2.55
N SER A 48 -3.96 26.59 -2.28
CA SER A 48 -4.10 27.12 -0.93
C SER A 48 -4.46 28.60 -0.94
N TYR A 49 -5.67 28.90 -0.48
CA TYR A 49 -6.15 30.27 -0.30
C TYR A 49 -6.12 30.59 1.20
N PRO A 50 -5.05 31.23 1.68
CA PRO A 50 -4.86 31.44 3.12
C PRO A 50 -5.87 32.41 3.72
N GLY A 51 -6.60 31.96 4.74
CA GLY A 51 -7.64 32.74 5.37
C GLY A 51 -9.05 32.32 4.95
N ALA A 52 -9.19 31.93 3.69
CA ALA A 52 -10.48 31.58 3.10
C ALA A 52 -11.20 30.45 3.84
N ASP A 53 -12.53 30.54 3.89
CA ASP A 53 -13.36 29.51 4.53
C ASP A 53 -13.76 28.44 3.51
N ALA A 54 -14.60 27.49 3.92
CA ALA A 54 -14.94 26.34 3.07
C ALA A 54 -15.73 26.70 1.82
N LYS A 55 -16.71 27.59 1.95
CA LYS A 55 -17.51 28.03 0.81
C LYS A 55 -16.72 28.92 -0.15
N THR A 56 -15.73 29.65 0.36
CA THR A 56 -14.93 30.56 -0.46
C THR A 56 -14.05 29.78 -1.43
N VAL A 57 -13.30 28.81 -0.91
CA VAL A 57 -12.45 27.94 -1.73
C VAL A 57 -13.23 27.04 -2.69
N GLN A 58 -14.47 26.71 -2.33
CA GLN A 58 -15.26 25.73 -3.08
C GLN A 58 -15.67 26.20 -4.48
N ASP A 59 -15.82 27.50 -4.69
CA ASP A 59 -16.23 28.04 -5.99
C ASP A 59 -15.20 28.94 -6.67
N THR A 60 -14.27 29.51 -5.90
CA THR A 60 -13.26 30.40 -6.46
C THR A 60 -12.01 29.65 -6.93
N VAL A 61 -11.80 28.43 -6.43
CA VAL A 61 -10.70 27.58 -6.86
C VAL A 61 -11.18 26.20 -7.32
N THR A 62 -11.84 25.47 -6.42
CA THR A 62 -12.24 24.09 -6.66
C THR A 62 -13.06 23.92 -7.93
N GLN A 63 -14.17 24.67 -8.02
CA GLN A 63 -15.08 24.55 -9.16
C GLN A 63 -14.47 25.08 -10.45
N VAL A 64 -13.60 26.08 -10.35
CA VAL A 64 -12.96 26.70 -11.52
C VAL A 64 -12.06 25.70 -12.25
N ILE A 65 -11.30 24.91 -11.48
CA ILE A 65 -10.42 23.90 -12.04
C ILE A 65 -11.21 22.68 -12.54
N GLU A 66 -12.38 22.43 -11.94
CA GLU A 66 -13.21 21.28 -12.31
C GLU A 66 -13.98 21.51 -13.61
N GLN A 67 -14.26 22.77 -13.95
CA GLN A 67 -14.85 23.12 -15.24
C GLN A 67 -13.77 23.31 -16.30
N ASN A 68 -12.60 22.74 -16.03
CA ASN A 68 -11.43 22.86 -16.89
C ASN A 68 -10.53 21.63 -16.69
N MET A 69 -11.17 20.47 -16.50
CA MET A 69 -10.48 19.23 -16.16
C MET A 69 -10.97 18.15 -17.12
N ASN A 70 -10.84 18.43 -18.41
CA ASN A 70 -11.37 17.57 -19.47
C ASN A 70 -10.47 17.50 -20.70
N GLY A 71 -10.71 16.48 -21.53
CA GLY A 71 -9.84 16.19 -22.66
C GLY A 71 -8.58 15.50 -22.18
N ILE A 72 -8.75 14.57 -21.25
CA ILE A 72 -7.64 13.88 -20.60
C ILE A 72 -7.80 12.37 -20.81
N ASP A 73 -6.84 11.78 -21.54
CA ASP A 73 -6.87 10.35 -21.86
C ASP A 73 -6.95 9.48 -20.61
N ASN A 74 -7.91 8.55 -20.61
CA ASN A 74 -8.12 7.62 -19.50
C ASN A 74 -8.56 8.33 -18.21
N LEU A 75 -9.73 7.99 -17.70
CA LEU A 75 -10.25 8.60 -16.48
C LEU A 75 -11.44 7.82 -15.91
N MET A 76 -11.28 7.27 -14.71
CA MET A 76 -12.35 6.57 -14.02
C MET A 76 -13.29 7.57 -13.33
N TYR A 77 -12.71 8.47 -12.53
CA TYR A 77 -13.49 9.44 -11.77
C TYR A 77 -12.63 10.61 -11.26
N MET A 78 -13.29 11.58 -10.62
CA MET A 78 -12.61 12.71 -9.98
C MET A 78 -13.28 13.04 -8.64
N SER A 79 -12.49 13.09 -7.56
CA SER A 79 -12.98 13.47 -6.24
C SER A 79 -12.44 14.84 -5.86
N SER A 80 -12.87 15.36 -4.71
CA SER A 80 -12.47 16.70 -4.28
C SER A 80 -12.73 16.99 -2.80
N ASN A 81 -11.90 17.88 -2.24
CA ASN A 81 -12.08 18.41 -0.89
C ASN A 81 -11.96 19.93 -0.89
N SER A 82 -12.69 20.58 0.02
CA SER A 82 -12.61 22.03 0.20
C SER A 82 -12.80 22.37 1.68
N ASP A 83 -11.78 22.98 2.27
CA ASP A 83 -11.67 23.08 3.72
C ASP A 83 -11.89 24.50 4.24
N SER A 84 -12.22 24.61 5.52
CA SER A 84 -12.38 25.90 6.20
C SER A 84 -11.02 26.54 6.50
N THR A 85 -9.96 25.73 6.51
CA THR A 85 -8.60 26.21 6.67
C THR A 85 -8.15 27.02 5.45
N GLY A 86 -8.77 26.77 4.30
CA GLY A 86 -8.41 27.43 3.06
C GLY A 86 -7.50 26.54 2.24
N THR A 87 -7.98 25.33 1.94
CA THR A 87 -7.19 24.32 1.24
C THR A 87 -8.08 23.41 0.39
N VAL A 88 -7.65 23.15 -0.84
CA VAL A 88 -8.39 22.30 -1.78
C VAL A 88 -7.46 21.23 -2.35
N GLN A 89 -8.01 20.03 -2.58
CA GLN A 89 -7.20 18.89 -3.07
C GLN A 89 -8.04 17.90 -3.88
N ILE A 90 -7.78 17.83 -5.18
CA ILE A 90 -8.50 16.96 -6.11
C ILE A 90 -7.66 15.71 -6.40
N THR A 91 -8.33 14.60 -6.71
CA THR A 91 -7.66 13.38 -7.15
C THR A 91 -8.30 12.83 -8.42
N LEU A 92 -7.56 12.90 -9.53
CA LEU A 92 -7.97 12.26 -10.76
C LEU A 92 -7.36 10.87 -10.82
N THR A 93 -8.16 9.85 -10.54
CA THR A 93 -7.67 8.47 -10.57
C THR A 93 -7.79 7.88 -11.97
N PHE A 94 -6.70 7.28 -12.45
CA PHE A 94 -6.63 6.71 -13.79
C PHE A 94 -6.74 5.19 -13.73
N GLU A 95 -6.65 4.52 -14.88
CA GLU A 95 -6.79 3.06 -14.95
C GLU A 95 -5.56 2.36 -14.35
N SER A 96 -5.64 1.04 -14.25
CA SER A 96 -4.53 0.23 -13.74
C SER A 96 -3.40 0.15 -14.76
N GLY A 97 -2.18 0.44 -14.34
CA GLY A 97 -1.02 0.42 -15.21
C GLY A 97 -0.96 1.59 -16.19
N THR A 98 -1.70 2.65 -15.90
CA THR A 98 -1.63 3.87 -16.71
C THR A 98 -0.30 4.57 -16.45
N ASP A 99 0.26 5.17 -17.49
CA ASP A 99 1.55 5.84 -17.37
C ASP A 99 1.37 7.15 -16.59
N ALA A 100 1.91 7.18 -15.37
CA ALA A 100 1.73 8.32 -14.47
C ALA A 100 2.69 9.48 -14.75
N ASP A 101 3.67 9.26 -15.63
CA ASP A 101 4.61 10.31 -16.02
C ASP A 101 3.99 11.30 -17.02
N ILE A 102 2.84 10.93 -17.59
CA ILE A 102 2.19 11.72 -18.64
C ILE A 102 0.79 12.17 -18.19
N ALA A 103 0.12 11.35 -17.39
CA ALA A 103 -1.13 11.73 -16.73
C ALA A 103 -0.91 12.89 -15.75
N GLN A 104 0.33 13.05 -15.28
CA GLN A 104 0.73 14.18 -14.42
C GLN A 104 1.15 15.41 -15.26
N VAL A 105 0.52 15.57 -16.43
CA VAL A 105 0.84 16.66 -17.35
C VAL A 105 -0.44 17.11 -18.08
N GLN A 106 -1.13 16.14 -18.68
CA GLN A 106 -2.47 16.36 -19.22
C GLN A 106 -3.38 17.00 -18.18
N VAL A 107 -3.23 16.59 -16.92
CA VAL A 107 -3.93 17.21 -15.80
C VAL A 107 -3.34 18.57 -15.45
N GLN A 108 -2.01 18.65 -15.37
CA GLN A 108 -1.33 19.87 -14.90
C GLN A 108 -1.14 20.95 -15.98
N ALA A 109 -1.75 20.75 -17.14
CA ALA A 109 -1.69 21.69 -18.26
C ALA A 109 -3.10 21.80 -18.81
N LYS A 110 -4.01 22.20 -17.92
CA LYS A 110 -5.45 22.04 -18.11
C LYS A 110 -6.16 22.69 -16.92
N LEU A 111 -5.67 22.39 -15.72
CA LEU A 111 -5.89 23.21 -14.53
C LEU A 111 -5.46 24.63 -14.88
N GLN A 112 -4.33 24.70 -15.57
CA GLN A 112 -3.66 25.94 -15.93
C GLN A 112 -4.38 26.88 -16.91
N LEU A 113 -5.39 26.38 -17.63
CA LEU A 113 -6.21 27.25 -18.47
C LEU A 113 -7.26 27.94 -17.60
N ALA A 114 -7.35 27.53 -16.34
CA ALA A 114 -8.23 28.12 -15.33
C ALA A 114 -7.44 28.80 -14.21
N MET A 115 -6.11 28.89 -14.34
CA MET A 115 -5.27 29.58 -13.36
C MET A 115 -5.53 31.09 -13.31
N PRO A 116 -5.67 31.74 -14.48
CA PRO A 116 -6.03 33.17 -14.52
C PRO A 116 -7.45 33.49 -14.04
N LEU A 117 -8.31 32.47 -13.88
CA LEU A 117 -9.67 32.66 -13.38
C LEU A 117 -9.75 32.45 -11.86
N LEU A 118 -8.61 32.51 -11.19
CA LEU A 118 -8.53 32.32 -9.74
C LEU A 118 -8.13 33.64 -9.08
N PRO A 119 -8.30 33.75 -7.76
CA PRO A 119 -7.80 34.92 -7.03
C PRO A 119 -6.27 35.00 -7.11
N GLN A 120 -5.74 36.22 -7.17
CA GLN A 120 -4.29 36.42 -7.15
C GLN A 120 -3.62 35.84 -5.90
N GLU A 121 -4.37 35.74 -4.81
CA GLU A 121 -3.88 35.15 -3.56
C GLU A 121 -3.45 33.69 -3.74
N VAL A 122 -4.25 32.92 -4.49
CA VAL A 122 -3.94 31.52 -4.79
C VAL A 122 -2.76 31.39 -5.76
N GLN A 123 -2.65 32.34 -6.70
CA GLN A 123 -1.57 32.32 -7.70
C GLN A 123 -0.20 32.42 -7.05
N GLN A 124 -0.03 33.39 -6.15
CA GLN A 124 1.24 33.56 -5.43
C GLN A 124 1.45 32.50 -4.33
N GLN A 125 0.41 31.75 -4.02
CA GLN A 125 0.53 30.56 -3.17
C GLN A 125 0.88 29.35 -4.04
N GLY A 126 1.15 28.22 -3.40
CA GLY A 126 1.63 27.03 -4.08
C GLY A 126 0.55 26.14 -4.66
N VAL A 127 0.31 26.28 -5.96
CA VAL A 127 -0.49 25.30 -6.69
C VAL A 127 0.47 24.18 -7.10
N SER A 128 -0.03 22.94 -7.16
CA SER A 128 0.84 21.79 -7.37
C SER A 128 0.11 20.60 -8.00
N VAL A 129 0.82 19.85 -8.84
CA VAL A 129 0.31 18.61 -9.43
C VAL A 129 1.38 17.53 -9.33
N GLU A 130 1.20 16.63 -8.36
CA GLU A 130 2.21 15.62 -8.01
C GLU A 130 1.62 14.21 -8.08
N LYS A 131 2.48 13.22 -7.89
CA LYS A 131 2.07 11.82 -7.91
C LYS A 131 1.93 11.30 -6.47
N SER A 132 0.73 10.80 -6.13
CA SER A 132 0.37 10.47 -4.75
C SER A 132 0.46 8.98 -4.44
N SER A 133 0.54 8.66 -3.15
CA SER A 133 0.59 7.28 -2.67
C SER A 133 0.00 7.17 -1.26
N SER A 134 -1.16 7.79 -1.04
CA SER A 134 -1.87 7.83 0.24
C SER A 134 -1.21 7.02 1.38
N SER A 135 -0.06 7.52 1.85
CA SER A 135 0.74 6.86 2.89
C SER A 135 2.18 7.39 2.91
N PHE A 136 2.82 7.29 4.07
CA PHE A 136 4.24 7.62 4.22
C PHE A 136 5.07 6.33 4.26
N LEU A 137 6.38 6.49 4.30
CA LEU A 137 7.31 5.35 4.45
C LEU A 137 8.41 5.72 5.44
N MET A 138 9.40 6.51 4.99
CA MET A 138 10.41 7.06 5.88
C MET A 138 9.85 8.33 6.55
N VAL A 139 9.92 8.38 7.88
CA VAL A 139 9.57 9.57 8.63
C VAL A 139 10.74 9.92 9.53
N VAL A 140 11.54 10.90 9.10
CA VAL A 140 12.77 11.27 9.79
C VAL A 140 12.53 12.40 10.78
N GLY A 141 12.32 12.03 12.05
CA GLY A 141 12.22 13.01 13.13
C GLY A 141 13.53 13.74 13.35
N VAL A 142 13.45 14.93 13.93
CA VAL A 142 14.61 15.81 14.12
C VAL A 142 14.42 16.60 15.41
N ILE A 143 15.34 16.46 16.36
CA ILE A 143 15.25 17.12 17.66
C ILE A 143 16.58 17.70 18.10
N ASN A 144 16.59 18.35 19.26
CA ASN A 144 17.82 18.84 19.87
C ASN A 144 18.04 18.26 21.27
N THR A 145 19.30 18.11 21.65
CA THR A 145 19.67 17.52 22.95
C THR A 145 20.45 18.50 23.84
N ASP A 146 21.66 18.86 23.42
CA ASP A 146 22.55 19.67 24.25
C ASP A 146 22.22 21.17 24.20
N GLY A 147 22.43 21.79 23.04
CA GLY A 147 22.14 23.19 22.84
C GLY A 147 20.67 23.37 22.46
N THR A 148 19.80 23.26 23.46
CA THR A 148 18.36 23.08 23.24
C THR A 148 17.73 24.17 22.37
N MET A 149 16.82 23.74 21.49
CA MET A 149 16.07 24.67 20.63
C MET A 149 14.63 24.18 20.41
N THR A 150 13.80 25.02 19.78
CA THR A 150 12.34 24.96 19.96
C THR A 150 11.59 24.23 18.83
N GLN A 151 10.24 24.31 18.87
CA GLN A 151 9.36 23.70 17.87
C GLN A 151 9.12 24.65 16.69
N GLU A 152 10.20 25.19 16.16
CA GLU A 152 10.13 26.35 15.25
C GLU A 152 11.52 26.67 14.73
N ASP A 153 12.50 26.69 15.64
CA ASP A 153 13.92 26.76 15.27
C ASP A 153 14.36 25.50 14.53
N ILE A 154 13.84 24.34 14.96
CA ILE A 154 14.19 23.06 14.33
C ILE A 154 13.46 22.89 13.01
N SER A 155 12.20 23.31 12.96
CA SER A 155 11.37 23.15 11.75
C SER A 155 11.85 24.01 10.58
N ASP A 156 12.52 25.12 10.90
CA ASP A 156 13.08 26.00 9.89
C ASP A 156 14.37 25.41 9.30
N TYR A 157 15.25 24.93 10.17
CA TYR A 157 16.52 24.33 9.74
C TYR A 157 16.28 23.06 8.91
N VAL A 158 15.21 22.34 9.23
CA VAL A 158 14.80 21.17 8.45
C VAL A 158 14.39 21.59 7.04
N ALA A 159 13.65 22.70 6.95
CA ALA A 159 13.15 23.22 5.68
C ALA A 159 14.03 24.35 5.10
N ALA A 160 15.33 24.30 5.38
CA ALA A 160 16.28 25.28 4.84
C ALA A 160 17.69 24.70 4.78
N ASN A 161 17.78 23.44 4.32
CA ASN A 161 19.05 22.69 4.29
C ASN A 161 18.83 21.24 3.83
N MET A 162 17.80 20.59 4.38
CA MET A 162 17.57 19.15 4.13
C MET A 162 16.30 18.84 3.33
N LYS A 163 15.27 19.70 3.42
CA LYS A 163 13.96 19.40 2.83
C LYS A 163 13.98 19.52 1.30
N ASP A 164 14.62 20.57 0.79
CA ASP A 164 14.69 20.80 -0.65
C ASP A 164 15.50 19.72 -1.37
N ALA A 165 16.57 19.26 -0.72
CA ALA A 165 17.40 18.18 -1.26
C ALA A 165 16.69 16.82 -1.20
N ILE A 166 15.85 16.64 -0.17
CA ILE A 166 15.12 15.38 0.04
C ILE A 166 14.03 15.17 -1.02
N SER A 167 13.31 16.25 -1.34
CA SER A 167 12.16 16.17 -2.24
C SER A 167 12.55 15.93 -3.70
N ARG A 168 13.77 16.32 -4.08
CA ARG A 168 14.28 16.09 -5.43
C ARG A 168 15.06 14.79 -5.53
N THR A 169 15.43 14.21 -4.38
CA THR A 169 16.18 12.95 -4.35
C THR A 169 15.34 11.77 -4.85
N SER A 170 16.03 10.70 -5.25
CA SER A 170 15.43 9.47 -5.77
C SER A 170 13.89 9.46 -5.86
N GLY A 171 13.36 10.21 -6.81
CA GLY A 171 11.94 10.23 -7.12
C GLY A 171 10.97 10.21 -5.94
N VAL A 172 10.97 11.29 -5.17
CA VAL A 172 10.00 11.45 -4.08
C VAL A 172 8.73 12.08 -4.63
N GLY A 173 7.58 11.57 -4.20
CA GLY A 173 6.29 12.10 -4.62
C GLY A 173 6.04 13.49 -4.07
N ASP A 174 5.75 13.56 -2.77
CA ASP A 174 5.59 14.84 -2.08
C ASP A 174 6.00 14.77 -0.61
N VAL A 175 6.63 15.84 -0.13
CA VAL A 175 7.10 15.93 1.24
C VAL A 175 6.12 16.78 2.07
N GLN A 176 5.84 16.32 3.29
CA GLN A 176 5.02 17.09 4.25
C GLN A 176 5.89 17.51 5.42
N LEU A 177 6.28 18.79 5.43
CA LEU A 177 7.07 19.36 6.52
C LEU A 177 6.25 19.46 7.81
N PHE A 178 6.75 18.85 8.88
CA PHE A 178 6.06 18.85 10.18
C PHE A 178 6.48 20.08 10.99
N GLY A 179 5.86 21.21 10.67
CA GLY A 179 6.14 22.49 11.29
C GLY A 179 5.97 23.60 10.29
N SER A 180 6.96 24.49 10.19
CA SER A 180 6.96 25.53 9.17
C SER A 180 8.33 26.19 8.99
N GLN A 181 8.67 26.51 7.74
CA GLN A 181 9.85 27.28 7.43
C GLN A 181 9.71 28.70 7.98
N TYR A 182 10.82 29.30 8.40
CA TYR A 182 10.77 30.64 8.99
C TYR A 182 10.28 31.69 7.99
N ALA A 183 9.75 32.78 8.54
CA ALA A 183 9.22 33.89 7.76
C ALA A 183 9.24 35.18 8.59
N MET A 184 9.38 36.31 7.92
CA MET A 184 9.37 37.61 8.60
C MET A 184 7.96 37.91 9.10
N ARG A 185 7.68 37.51 10.33
CA ARG A 185 6.34 37.58 10.90
C ARG A 185 6.10 38.92 11.58
N ILE A 186 4.96 39.53 11.27
CA ILE A 186 4.61 40.86 11.78
C ILE A 186 3.21 40.80 12.39
N TRP A 187 3.12 41.11 13.69
CA TRP A 187 1.87 41.06 14.44
C TRP A 187 1.35 42.48 14.69
N MET A 188 0.47 42.96 13.82
CA MET A 188 -0.06 44.32 13.90
C MET A 188 -0.98 44.56 15.10
N ASN A 189 -0.65 45.59 15.89
CA ASN A 189 -1.48 46.04 17.00
C ASN A 189 -2.48 47.09 16.50
N PRO A 190 -3.78 46.84 16.65
CA PRO A 190 -4.81 47.76 16.14
C PRO A 190 -5.02 48.99 17.02
N ASN A 191 -4.60 48.93 18.29
CA ASN A 191 -4.65 50.09 19.19
C ASN A 191 -3.53 51.09 18.89
N GLU A 192 -2.34 50.56 18.58
CA GLU A 192 -1.21 51.38 18.16
C GLU A 192 -1.28 51.76 16.68
N LEU A 193 -2.34 51.32 16.00
CA LEU A 193 -2.60 51.70 14.60
C LEU A 193 -3.49 52.94 14.59
N ASN A 194 -4.54 52.92 15.40
CA ASN A 194 -5.44 54.06 15.60
C ASN A 194 -4.73 55.25 16.25
N LYS A 195 -3.66 54.98 17.00
CA LYS A 195 -2.91 56.02 17.68
C LYS A 195 -2.24 57.01 16.72
N PHE A 196 -1.79 56.53 15.56
CA PHE A 196 -1.16 57.36 14.54
C PHE A 196 -1.99 57.46 13.27
N GLN A 197 -3.27 57.11 13.36
CA GLN A 197 -4.21 57.15 12.23
C GLN A 197 -3.73 56.34 11.03
N LEU A 198 -3.89 55.02 11.12
CA LEU A 198 -3.33 54.09 10.13
C LEU A 198 -4.11 52.78 10.02
N THR A 199 -3.91 52.09 8.89
CA THR A 199 -4.55 50.81 8.62
C THR A 199 -3.51 49.78 8.20
N PRO A 200 -3.89 48.49 8.16
CA PRO A 200 -3.00 47.46 7.60
C PRO A 200 -2.74 47.59 6.10
N VAL A 201 -3.51 48.43 5.40
CA VAL A 201 -3.26 48.73 3.99
C VAL A 201 -1.97 49.52 3.83
N ASP A 202 -1.71 50.44 4.76
CA ASP A 202 -0.50 51.27 4.75
C ASP A 202 0.74 50.49 5.17
N VAL A 203 0.56 49.53 6.10
CA VAL A 203 1.64 48.66 6.52
C VAL A 203 2.14 47.85 5.34
N ILE A 204 1.21 47.25 4.60
CA ILE A 204 1.50 46.43 3.43
C ILE A 204 2.21 47.24 2.34
N THR A 205 1.80 48.49 2.15
CA THR A 205 2.38 49.36 1.12
C THR A 205 3.85 49.66 1.39
N ALA A 206 4.20 49.85 2.66
CA ALA A 206 5.57 50.17 3.05
C ALA A 206 6.51 48.96 2.92
N ILE A 207 5.95 47.75 2.92
CA ILE A 207 6.74 46.54 2.70
C ILE A 207 6.99 46.32 1.20
N LYS A 208 6.01 46.69 0.37
CA LYS A 208 6.14 46.58 -1.08
C LYS A 208 6.66 47.90 -1.64
N ALA A 209 7.86 48.28 -1.19
CA ALA A 209 8.43 49.59 -1.48
C ALA A 209 9.86 49.68 -0.93
N GLN A 210 9.98 49.42 0.37
CA GLN A 210 11.27 49.45 1.05
C GLN A 210 11.92 48.06 1.05
N ASN A 211 11.12 47.03 1.30
CA ASN A 211 11.54 45.65 1.11
C ASN A 211 11.32 45.27 -0.35
N ALA A 212 12.29 45.60 -1.20
CA ALA A 212 12.19 45.37 -2.64
C ALA A 212 13.56 45.34 -3.32
N GLN A 213 13.61 44.68 -4.47
CA GLN A 213 14.83 44.61 -5.28
C GLN A 213 14.55 45.21 -6.66
N VAL A 214 15.20 46.35 -6.95
CA VAL A 214 14.97 47.10 -8.18
C VAL A 214 16.13 46.89 -9.15
N ALA A 215 15.81 46.87 -10.44
CA ALA A 215 16.81 46.62 -11.49
C ALA A 215 17.31 47.91 -12.11
N ALA A 216 18.36 48.48 -11.51
CA ALA A 216 19.08 49.60 -12.11
C ALA A 216 20.01 49.06 -13.18
N GLY A 217 20.28 49.86 -14.21
CA GLY A 217 21.06 49.42 -15.35
C GLY A 217 22.54 49.24 -15.08
N GLN A 218 23.38 49.75 -15.99
CA GLN A 218 24.84 49.68 -15.83
C GLN A 218 25.54 50.89 -16.45
N LEU A 219 26.63 51.30 -15.80
CA LEU A 219 27.56 52.28 -16.38
C LEU A 219 28.32 51.59 -17.51
N GLY A 220 28.47 52.29 -18.64
CA GLY A 220 29.30 51.79 -19.73
C GLY A 220 28.64 50.80 -20.70
N GLY A 221 27.45 50.31 -20.37
CA GLY A 221 26.65 49.51 -21.29
C GLY A 221 25.44 50.32 -21.74
N THR A 222 24.60 49.78 -22.62
CA THR A 222 24.84 48.54 -23.35
C THR A 222 25.35 48.84 -24.78
N PRO A 223 24.71 49.77 -25.50
CA PRO A 223 25.36 50.44 -26.63
C PRO A 223 26.05 51.73 -26.15
N PRO A 224 27.36 51.70 -25.96
CA PRO A 224 28.07 52.83 -25.34
C PRO A 224 28.55 53.85 -26.36
N VAL A 225 29.39 54.79 -25.89
CA VAL A 225 30.05 55.77 -26.77
C VAL A 225 31.44 55.22 -27.04
N LYS A 226 31.82 55.16 -28.32
CA LYS A 226 33.07 54.50 -28.74
C LYS A 226 34.28 55.07 -28.03
N GLY A 227 34.77 54.36 -27.00
CA GLY A 227 35.92 54.83 -26.23
C GLY A 227 35.74 54.88 -24.72
N GLN A 228 34.67 54.27 -24.22
CA GLN A 228 34.43 54.19 -22.77
C GLN A 228 35.44 53.22 -22.16
N GLN A 229 35.93 53.56 -20.98
CA GLN A 229 37.02 52.81 -20.34
C GLN A 229 36.54 51.74 -19.37
N LEU A 230 35.41 51.98 -18.71
CA LEU A 230 34.88 51.03 -17.71
C LEU A 230 33.43 50.62 -17.96
N ASN A 231 33.04 49.51 -17.33
CA ASN A 231 31.68 48.98 -17.43
C ASN A 231 31.33 48.15 -16.19
N ALA A 232 30.49 48.73 -15.31
CA ALA A 232 30.09 48.08 -14.07
C ALA A 232 28.57 48.09 -13.89
N SER A 233 28.06 47.14 -13.11
CA SER A 233 26.63 47.02 -12.85
C SER A 233 26.20 47.90 -11.67
N ILE A 234 25.05 48.56 -11.83
CA ILE A 234 24.48 49.41 -10.77
C ILE A 234 23.62 48.58 -9.83
N ILE A 235 23.84 48.78 -8.52
CA ILE A 235 22.98 48.22 -7.48
C ILE A 235 22.06 49.35 -7.00
N ALA A 236 20.86 49.00 -6.56
CA ALA A 236 19.89 49.98 -6.06
C ALA A 236 19.27 49.49 -4.74
N GLN A 237 17.95 49.29 -4.72
CA GLN A 237 17.28 48.77 -3.53
C GLN A 237 17.64 47.29 -3.33
N THR A 238 18.09 46.95 -2.13
CA THR A 238 18.40 45.57 -1.77
C THR A 238 17.35 45.06 -0.77
N ARG A 239 16.99 43.79 -0.91
CA ARG A 239 15.97 43.18 -0.03
C ARG A 239 16.44 43.14 1.42
N LEU A 240 15.49 43.20 2.34
CA LEU A 240 15.80 43.30 3.77
C LEU A 240 16.24 41.96 4.33
N THR A 241 17.08 42.00 5.36
CA THR A 241 17.75 40.81 5.88
C THR A 241 17.24 40.36 7.25
N SER A 242 17.21 41.28 8.22
CA SER A 242 16.98 40.92 9.61
C SER A 242 15.72 41.55 10.22
N THR A 243 15.40 41.14 11.44
CA THR A 243 14.26 41.65 12.19
C THR A 243 14.42 43.12 12.60
N GLU A 244 15.66 43.56 12.77
CA GLU A 244 15.94 44.96 13.12
C GLU A 244 15.59 45.90 11.97
N GLU A 245 15.93 45.50 10.75
CA GLU A 245 15.74 46.34 9.57
C GLU A 245 14.25 46.49 9.20
N PHE A 246 13.45 45.48 9.52
CA PHE A 246 12.00 45.54 9.33
C PHE A 246 11.34 46.44 10.37
N GLY A 247 11.96 46.55 11.54
CA GLY A 247 11.51 47.47 12.57
C GLY A 247 11.78 48.92 12.24
N LYS A 248 12.76 49.18 11.37
CA LYS A 248 13.13 50.55 10.98
C LYS A 248 12.46 51.02 9.69
N ILE A 249 11.40 50.33 9.26
CA ILE A 249 10.63 50.73 8.09
C ILE A 249 9.80 51.97 8.45
N LEU A 250 9.81 52.96 7.56
CA LEU A 250 9.12 54.23 7.82
C LEU A 250 7.68 54.22 7.30
N LEU A 251 6.72 54.23 8.22
CA LEU A 251 5.31 54.31 7.89
C LEU A 251 4.87 55.76 7.66
N LYS A 252 5.19 56.62 8.64
CA LYS A 252 4.66 57.98 8.68
C LYS A 252 5.69 58.97 9.26
N VAL A 253 5.47 60.25 9.00
CA VAL A 253 6.17 61.33 9.70
C VAL A 253 5.14 62.38 10.13
N ASN A 254 4.69 62.28 11.37
CA ASN A 254 3.66 63.17 11.91
C ASN A 254 4.15 64.61 12.06
N GLN A 255 3.28 65.55 11.67
CA GLN A 255 3.44 66.99 11.93
C GLN A 255 4.72 67.45 12.67
N ASP A 256 4.86 67.02 13.92
CA ASP A 256 5.92 67.54 14.81
C ASP A 256 7.32 66.91 14.62
N GLY A 257 7.58 66.29 13.47
CA GLY A 257 8.88 65.68 13.19
C GLY A 257 9.08 64.28 13.74
N SER A 258 8.11 63.76 14.50
CA SER A 258 8.20 62.43 15.07
C SER A 258 8.04 61.36 13.99
N ARG A 259 8.73 60.23 14.16
CA ARG A 259 8.68 59.13 13.20
C ARG A 259 7.92 57.94 13.76
N VAL A 260 6.88 57.51 13.05
CA VAL A 260 6.17 56.28 13.36
C VAL A 260 6.84 55.16 12.57
N LEU A 261 7.48 54.23 13.29
CA LEU A 261 8.13 53.08 12.66
C LEU A 261 7.22 51.86 12.69
N LEU A 262 7.59 50.81 11.96
CA LEU A 262 6.81 49.59 11.89
C LEU A 262 6.87 48.81 13.21
N ARG A 263 7.97 48.96 13.94
CA ARG A 263 8.13 48.37 15.26
C ARG A 263 7.26 49.10 16.30
N ASP A 264 7.10 50.41 16.11
CA ASP A 264 6.31 51.23 17.04
C ASP A 264 4.80 50.97 16.98
N VAL A 265 4.35 50.22 15.96
CA VAL A 265 2.94 49.83 15.86
C VAL A 265 2.73 48.31 15.98
N ALA A 266 3.78 47.52 15.74
CA ALA A 266 3.66 46.06 15.67
C ALA A 266 4.88 45.31 16.22
N LYS A 267 4.61 44.16 16.84
CA LYS A 267 5.67 43.25 17.30
C LYS A 267 6.31 42.58 16.09
N ILE A 268 7.62 42.34 16.17
CA ILE A 268 8.37 41.77 15.05
C ILE A 268 9.30 40.64 15.53
N GLU A 269 8.96 39.41 15.15
CA GLU A 269 9.79 38.24 15.45
C GLU A 269 9.94 37.33 14.22
N LEU A 270 11.07 36.64 14.13
CA LEU A 270 11.32 35.70 13.03
C LEU A 270 10.73 34.33 13.39
N GLY A 271 9.50 34.09 12.93
CA GLY A 271 8.78 32.86 13.25
C GLY A 271 8.06 32.25 12.05
N GLY A 272 7.57 31.01 12.24
CA GLY A 272 6.98 30.22 11.17
C GLY A 272 5.90 30.89 10.34
N GLU A 273 5.72 30.41 9.11
CA GLU A 273 4.69 30.91 8.20
C GLU A 273 3.37 30.14 8.35
N ASN A 274 3.34 29.17 9.25
CA ASN A 274 2.14 28.37 9.50
C ASN A 274 2.19 27.75 10.90
N TYR A 275 1.31 28.20 11.79
CA TYR A 275 1.28 27.73 13.18
C TYR A 275 0.19 26.69 13.44
N ASP A 276 -0.34 26.09 12.37
CA ASP A 276 -1.45 25.15 12.49
C ASP A 276 -1.05 23.81 13.11
N ILE A 277 0.16 23.35 12.82
CA ILE A 277 0.63 22.04 13.31
C ILE A 277 2.00 22.07 13.98
N ILE A 278 2.14 21.31 15.06
CA ILE A 278 3.39 21.19 15.81
C ILE A 278 3.53 19.80 16.45
N ALA A 279 4.70 19.18 16.29
CA ALA A 279 4.90 17.76 16.65
C ALA A 279 5.73 17.57 17.92
N GLU A 280 5.44 16.49 18.65
CA GLU A 280 6.20 16.09 19.82
C GLU A 280 6.71 14.65 19.66
N PHE A 281 8.03 14.47 19.71
CA PHE A 281 8.65 13.15 19.72
C PHE A 281 8.94 12.73 21.16
N ASN A 282 8.05 11.90 21.72
CA ASN A 282 8.13 11.46 23.12
C ASN A 282 8.04 12.61 24.12
N GLY A 283 7.17 13.58 23.83
CA GLY A 283 7.02 14.77 24.67
C GLY A 283 8.19 15.72 24.61
N GLN A 284 8.95 15.65 23.52
CA GLN A 284 10.12 16.49 23.29
C GLN A 284 9.90 17.27 21.99
N PRO A 285 10.27 18.56 21.97
CA PRO A 285 9.97 19.41 20.80
C PRO A 285 10.68 18.93 19.53
N ALA A 286 9.92 18.77 18.43
CA ALA A 286 10.42 18.09 17.23
C ALA A 286 9.75 18.54 15.92
N SER A 287 10.55 18.56 14.86
CA SER A 287 10.06 18.65 13.48
C SER A 287 10.51 17.41 12.72
N GLY A 288 10.12 17.28 11.45
CA GLY A 288 10.56 16.14 10.65
C GLY A 288 10.13 16.17 9.19
N LEU A 289 10.35 15.03 8.51
CA LEU A 289 10.01 14.87 7.10
C LEU A 289 9.22 13.59 6.86
N GLY A 290 7.90 13.73 6.74
CA GLY A 290 7.05 12.61 6.40
C GLY A 290 7.02 12.41 4.89
N ILE A 291 8.06 11.76 4.37
CA ILE A 291 8.21 11.52 2.94
C ILE A 291 7.16 10.50 2.46
N LYS A 292 6.63 10.73 1.25
CA LYS A 292 5.61 9.88 0.67
C LYS A 292 6.05 9.41 -0.72
N LEU A 293 5.60 8.22 -1.12
CA LEU A 293 6.09 7.57 -2.35
C LEU A 293 5.57 8.24 -3.63
N ALA A 294 6.14 7.85 -4.77
CA ALA A 294 5.87 8.52 -6.05
C ALA A 294 5.18 7.64 -7.10
N THR A 295 4.22 6.82 -6.64
CA THR A 295 3.23 6.22 -7.53
C THR A 295 3.86 5.39 -8.66
N GLY A 296 4.83 4.55 -8.31
CA GLY A 296 5.62 3.81 -9.28
C GLY A 296 7.08 3.65 -8.89
N ALA A 297 7.55 4.51 -8.00
CA ALA A 297 8.92 4.46 -7.46
C ALA A 297 9.34 3.08 -6.93
N ASN A 298 10.64 2.92 -6.70
CA ASN A 298 11.24 1.63 -6.36
C ASN A 298 11.32 1.35 -4.84
N ALA A 299 10.56 2.11 -4.05
CA ALA A 299 10.50 1.95 -2.59
C ALA A 299 11.86 1.92 -1.87
N LEU A 300 12.32 0.73 -1.44
CA LEU A 300 13.51 0.64 -0.57
C LEU A 300 14.80 1.18 -1.21
N ASP A 301 14.82 1.32 -2.53
CA ASP A 301 15.94 1.97 -3.21
C ASP A 301 15.83 3.49 -3.08
N THR A 302 14.60 3.99 -3.24
CA THR A 302 14.28 5.40 -2.97
C THR A 302 14.64 5.81 -1.54
N ALA A 303 14.29 4.98 -0.56
CA ALA A 303 14.56 5.25 0.85
C ALA A 303 16.03 5.05 1.22
N ALA A 304 16.75 4.32 0.38
CA ALA A 304 18.21 4.18 0.54
C ALA A 304 18.88 5.50 0.21
N ALA A 305 18.37 6.19 -0.81
CA ALA A 305 18.89 7.49 -1.24
C ALA A 305 18.24 8.65 -0.49
N ILE A 306 17.29 8.36 0.39
CA ILE A 306 16.82 9.34 1.37
C ILE A 306 17.93 9.55 2.41
N ARG A 307 18.64 8.46 2.73
CA ARG A 307 19.80 8.52 3.62
C ARG A 307 21.07 8.99 2.89
N ALA A 308 21.05 9.00 1.55
CA ALA A 308 22.18 9.52 0.78
C ALA A 308 22.30 11.03 0.94
N GLU A 309 21.20 11.74 0.72
CA GLU A 309 21.12 13.18 0.98
C GLU A 309 21.36 13.48 2.46
N LEU A 310 20.66 12.73 3.32
CA LEU A 310 20.68 12.92 4.76
C LEU A 310 22.07 12.75 5.38
N ALA A 311 22.90 11.90 4.78
CA ALA A 311 24.23 11.58 5.31
C ALA A 311 25.21 12.74 5.09
N LYS A 312 25.05 13.46 3.98
CA LYS A 312 25.87 14.64 3.68
C LYS A 312 25.39 15.88 4.44
N MET A 313 24.22 15.78 5.07
CA MET A 313 23.64 16.89 5.84
C MET A 313 24.14 16.92 7.28
N GLU A 314 24.26 15.73 7.89
CA GLU A 314 24.61 15.60 9.32
C GLU A 314 25.84 16.42 9.78
N PRO A 315 26.95 16.34 9.06
CA PRO A 315 28.20 16.99 9.48
C PRO A 315 28.13 18.51 9.72
N PHE A 316 27.22 19.21 9.03
CA PHE A 316 27.10 20.66 9.16
C PHE A 316 25.90 21.08 10.02
N PHE A 317 25.65 20.31 11.09
CA PHE A 317 24.54 20.58 12.01
C PHE A 317 25.02 21.45 13.17
N PRO A 318 24.15 22.35 13.65
CA PRO A 318 24.39 23.02 14.95
C PRO A 318 24.52 22.04 16.12
N SER A 319 24.86 22.57 17.29
CA SER A 319 25.05 21.75 18.49
C SER A 319 23.71 21.20 18.99
N GLY A 320 23.66 19.88 19.21
CA GLY A 320 22.46 19.22 19.71
C GLY A 320 21.62 18.56 18.64
N LEU A 321 21.63 19.12 17.42
CA LEU A 321 20.82 18.60 16.32
C LEU A 321 21.23 17.16 15.99
N LYS A 322 20.38 16.21 16.36
CA LYS A 322 20.58 14.79 16.08
C LYS A 322 19.34 14.20 15.40
N ILE A 323 19.58 13.28 14.46
CA ILE A 323 18.51 12.63 13.71
C ILE A 323 17.97 11.41 14.47
N VAL A 324 16.69 11.15 14.30
CA VAL A 324 16.00 10.03 14.96
C VAL A 324 14.99 9.39 14.00
N TYR A 325 14.80 8.07 14.10
CA TYR A 325 14.04 7.31 13.10
C TYR A 325 12.81 6.59 13.66
N PRO A 326 11.68 7.29 13.75
CA PRO A 326 10.37 6.66 13.95
C PRO A 326 9.76 6.22 12.61
N TYR A 327 8.66 5.47 12.67
CA TYR A 327 7.91 5.02 11.49
C TYR A 327 8.77 4.81 10.23
N ASP A 328 9.28 3.58 10.07
CA ASP A 328 10.16 3.25 8.95
C ASP A 328 9.87 1.84 8.40
N THR A 329 9.72 1.75 7.08
CA THR A 329 9.33 0.51 6.40
C THR A 329 10.53 -0.34 5.96
N THR A 330 11.70 0.31 5.84
CA THR A 330 12.94 -0.36 5.40
C THR A 330 13.23 -1.72 6.06
N PRO A 331 13.26 -1.79 7.40
CA PRO A 331 13.65 -3.03 8.08
C PRO A 331 12.66 -4.20 7.93
N PHE A 332 11.44 -3.91 7.50
CA PHE A 332 10.45 -4.97 7.24
C PHE A 332 10.84 -5.83 6.03
N VAL A 333 11.40 -5.21 5.00
CA VAL A 333 11.88 -5.95 3.82
C VAL A 333 13.18 -6.70 4.12
N LYS A 334 13.97 -6.18 5.06
CA LYS A 334 15.19 -6.87 5.51
C LYS A 334 14.84 -8.15 6.28
N ILE A 335 13.65 -8.20 6.87
CA ILE A 335 13.16 -9.39 7.55
C ILE A 335 12.59 -10.39 6.55
N SER A 336 11.96 -9.89 5.48
CA SER A 336 11.30 -10.75 4.49
C SER A 336 12.27 -11.43 3.52
N ILE A 337 13.52 -10.96 3.50
CA ILE A 337 14.59 -11.63 2.74
C ILE A 337 15.34 -12.57 3.68
N HIS A 338 15.66 -12.08 4.88
CA HIS A 338 16.31 -12.88 5.91
C HIS A 338 15.37 -13.95 6.52
N GLU A 339 14.08 -13.89 6.17
CA GLU A 339 13.13 -14.95 6.50
C GLU A 339 12.35 -15.31 5.24
N VAL A 340 12.90 -16.27 4.51
CA VAL A 340 12.48 -16.70 3.17
C VAL A 340 13.72 -17.38 2.58
N VAL A 341 14.85 -16.65 2.60
CA VAL A 341 16.16 -17.23 2.29
C VAL A 341 16.58 -18.19 3.42
N LYS A 342 16.08 -17.93 4.63
CA LYS A 342 16.21 -18.87 5.75
C LYS A 342 15.28 -20.07 5.51
N THR A 343 14.01 -19.78 5.24
CA THR A 343 13.01 -20.80 4.93
C THR A 343 13.45 -21.69 3.76
N LEU A 344 13.79 -21.05 2.64
CA LEU A 344 14.50 -21.67 1.51
C LEU A 344 15.54 -22.70 1.94
N VAL A 345 16.48 -22.26 2.78
CA VAL A 345 17.59 -23.11 3.23
C VAL A 345 17.09 -24.31 4.03
N GLU A 346 16.06 -24.09 4.85
CA GLU A 346 15.45 -25.15 5.65
C GLU A 346 14.63 -26.12 4.78
N ALA A 347 14.23 -25.67 3.59
CA ALA A 347 13.52 -26.51 2.62
C ALA A 347 14.48 -27.40 1.84
N ILE A 348 15.74 -26.96 1.71
CA ILE A 348 16.85 -27.89 1.45
C ILE A 348 17.09 -28.48 2.85
N ILE A 349 18.31 -28.80 3.26
CA ILE A 349 18.53 -29.44 4.57
C ILE A 349 17.48 -30.53 4.86
N LEU A 350 16.24 -30.13 5.18
CA LEU A 350 15.10 -31.05 5.26
C LEU A 350 14.95 -31.93 4.01
N VAL A 351 15.29 -31.39 2.83
CA VAL A 351 15.63 -32.26 1.69
C VAL A 351 16.48 -33.50 1.94
N PHE A 352 17.77 -33.32 1.65
CA PHE A 352 18.89 -34.14 2.14
C PHE A 352 18.53 -35.27 3.09
N LEU A 353 17.82 -34.93 4.17
CA LEU A 353 17.36 -35.91 5.16
C LEU A 353 16.48 -36.98 4.52
N VAL A 354 15.35 -36.58 3.94
CA VAL A 354 14.45 -37.49 3.23
C VAL A 354 15.14 -38.30 2.13
N MET A 355 16.12 -37.69 1.45
CA MET A 355 16.84 -38.34 0.36
C MET A 355 17.83 -39.41 0.85
N TYR A 356 18.31 -39.26 2.09
CA TYR A 356 19.20 -40.24 2.71
C TYR A 356 18.39 -41.36 3.37
N LEU A 357 17.32 -40.96 4.05
CA LEU A 357 16.34 -41.89 4.65
C LEU A 357 15.86 -42.97 3.68
N PHE A 358 15.64 -42.59 2.41
CA PHE A 358 15.10 -43.50 1.40
C PHE A 358 16.20 -44.15 0.57
N LEU A 359 17.30 -43.42 0.35
CA LEU A 359 18.49 -43.96 -0.32
C LEU A 359 19.73 -43.69 0.54
N GLN A 360 20.28 -44.75 1.13
CA GLN A 360 21.49 -44.60 1.96
C GLN A 360 22.71 -44.18 1.15
N ASN A 361 22.64 -44.37 -0.17
CA ASN A 361 23.64 -43.85 -1.11
C ASN A 361 23.76 -42.34 -0.98
N PHE A 362 24.92 -41.86 -0.57
CA PHE A 362 25.16 -40.43 -0.38
C PHE A 362 25.02 -39.68 -1.71
N ARG A 363 26.05 -39.72 -2.55
CA ARG A 363 26.00 -39.25 -3.94
C ARG A 363 24.61 -38.99 -4.56
N ALA A 364 23.64 -39.88 -4.32
CA ALA A 364 22.26 -39.65 -4.75
C ALA A 364 21.68 -38.40 -4.08
N THR A 365 21.70 -38.36 -2.75
CA THR A 365 21.41 -37.13 -2.01
C THR A 365 22.47 -36.05 -2.29
N LEU A 366 22.25 -35.31 -3.37
CA LEU A 366 23.23 -34.40 -3.95
C LEU A 366 22.65 -33.86 -5.25
N ILE A 367 22.18 -34.76 -6.11
CA ILE A 367 21.55 -34.39 -7.39
C ILE A 367 20.29 -33.52 -7.17
N PRO A 368 19.34 -33.94 -6.33
CA PRO A 368 18.25 -33.04 -5.89
C PRO A 368 18.73 -31.74 -5.21
N THR A 369 19.88 -31.80 -4.54
CA THR A 369 20.48 -30.62 -3.89
C THR A 369 21.34 -29.75 -4.83
N ILE A 370 21.18 -29.95 -6.14
CA ILE A 370 21.74 -29.05 -7.17
C ILE A 370 20.64 -28.67 -8.15
N ALA A 371 19.88 -29.67 -8.59
CA ALA A 371 18.60 -29.46 -9.26
C ALA A 371 17.94 -28.13 -8.90
N VAL A 372 17.54 -27.99 -7.63
CA VAL A 372 16.71 -26.85 -7.21
C VAL A 372 17.39 -25.48 -7.01
N PRO A 373 18.61 -25.39 -6.44
CA PRO A 373 19.31 -24.09 -6.44
C PRO A 373 19.42 -23.47 -7.83
N VAL A 374 19.74 -24.27 -8.83
CA VAL A 374 19.87 -23.80 -10.23
C VAL A 374 18.56 -23.24 -10.78
N VAL A 375 17.42 -23.80 -10.37
CA VAL A 375 16.11 -23.36 -10.88
C VAL A 375 15.72 -22.02 -10.27
N LEU A 376 15.86 -21.90 -8.94
CA LEU A 376 15.71 -20.64 -8.22
C LEU A 376 16.41 -19.48 -8.93
N LEU A 377 17.65 -19.73 -9.36
CA LEU A 377 18.48 -18.71 -9.99
C LEU A 377 17.93 -18.30 -11.35
N GLY A 378 17.63 -19.29 -12.19
CA GLY A 378 17.15 -19.04 -13.54
C GLY A 378 15.82 -18.30 -13.57
N THR A 379 15.03 -18.48 -12.52
CA THR A 379 13.72 -17.84 -12.41
C THR A 379 13.89 -16.34 -12.11
N PHE A 380 14.92 -15.99 -11.32
CA PHE A 380 15.28 -14.58 -11.12
C PHE A 380 15.59 -13.88 -12.45
N ALA A 381 16.24 -14.61 -13.35
CA ALA A 381 16.64 -14.06 -14.65
C ALA A 381 15.46 -13.77 -15.58
N VAL A 382 14.37 -14.53 -15.43
CA VAL A 382 13.19 -14.38 -16.29
C VAL A 382 12.24 -13.29 -15.78
N LEU A 383 12.23 -13.04 -14.46
CA LEU A 383 11.41 -11.96 -13.89
C LEU A 383 12.04 -10.61 -14.24
N ALA A 384 13.36 -10.56 -14.24
CA ALA A 384 14.11 -9.37 -14.66
C ALA A 384 13.86 -9.07 -16.15
N ALA A 385 13.75 -10.13 -16.95
CA ALA A 385 13.55 -9.99 -18.39
C ALA A 385 12.12 -9.59 -18.76
N PHE A 386 11.14 -9.93 -17.91
CA PHE A 386 9.73 -9.69 -18.21
C PHE A 386 9.20 -8.40 -17.58
N GLY A 387 9.92 -7.84 -16.61
CA GLY A 387 9.53 -6.58 -16.00
C GLY A 387 9.53 -6.53 -14.47
N PHE A 388 9.13 -7.63 -13.83
CA PHE A 388 8.88 -7.62 -12.37
C PHE A 388 10.17 -7.52 -11.55
N SER A 389 9.99 -7.38 -10.23
CA SER A 389 11.10 -7.23 -9.28
C SER A 389 11.08 -8.35 -8.24
N ILE A 390 12.02 -8.28 -7.28
CA ILE A 390 12.01 -9.16 -6.11
C ILE A 390 11.00 -8.62 -5.09
N ASN A 391 9.72 -8.88 -5.35
CA ASN A 391 8.64 -8.45 -4.47
C ASN A 391 8.45 -9.41 -3.29
N THR A 392 7.65 -8.96 -2.31
CA THR A 392 7.18 -9.85 -1.25
C THR A 392 6.44 -11.05 -1.84
N LEU A 393 5.68 -10.80 -2.90
CA LEU A 393 4.93 -11.85 -3.59
C LEU A 393 5.85 -12.84 -4.29
N THR A 394 6.67 -12.34 -5.22
CA THR A 394 7.51 -13.22 -6.06
C THR A 394 8.46 -14.09 -5.23
N MET A 395 8.85 -13.61 -4.05
CA MET A 395 9.79 -14.33 -3.18
C MET A 395 9.09 -15.49 -2.47
N PHE A 396 7.83 -15.29 -2.11
CA PHE A 396 6.98 -16.36 -1.59
C PHE A 396 6.66 -17.41 -2.66
N GLY A 397 6.79 -17.03 -3.93
CA GLY A 397 6.56 -17.93 -5.05
C GLY A 397 7.81 -18.72 -5.43
N MET A 398 8.93 -18.37 -4.79
CA MET A 398 10.15 -19.18 -4.88
C MET A 398 10.07 -20.34 -3.88
N VAL A 399 9.15 -20.24 -2.93
CA VAL A 399 9.02 -21.19 -1.82
C VAL A 399 7.91 -22.20 -2.09
N LEU A 400 6.77 -21.68 -2.55
CA LEU A 400 5.72 -22.52 -3.12
C LEU A 400 6.26 -23.28 -4.34
N ALA A 401 7.26 -22.69 -5.01
CA ALA A 401 7.98 -23.36 -6.08
C ALA A 401 8.88 -24.47 -5.54
N ILE A 402 9.70 -24.16 -4.54
CA ILE A 402 10.69 -25.09 -3.99
C ILE A 402 10.17 -26.52 -3.94
N GLY A 403 8.90 -26.69 -3.58
CA GLY A 403 8.24 -27.97 -3.60
C GLY A 403 8.15 -28.60 -4.99
N LEU A 404 7.37 -27.97 -5.88
CA LEU A 404 7.21 -28.44 -7.26
C LEU A 404 8.46 -28.08 -8.07
N LEU A 405 9.53 -28.83 -7.82
CA LEU A 405 10.89 -28.46 -8.24
C LEU A 405 11.84 -29.60 -7.87
N VAL A 406 11.82 -29.99 -6.59
CA VAL A 406 12.49 -31.22 -6.15
C VAL A 406 11.58 -32.41 -6.48
N ASP A 407 10.28 -32.14 -6.55
CA ASP A 407 9.30 -33.09 -7.08
C ASP A 407 9.69 -33.59 -8.48
N ASP A 408 10.17 -32.67 -9.31
CA ASP A 408 10.61 -33.02 -10.66
C ASP A 408 12.04 -33.58 -10.69
N ALA A 409 12.84 -33.21 -9.69
CA ALA A 409 14.21 -33.72 -9.57
C ALA A 409 14.20 -35.16 -9.06
N ILE A 410 13.74 -35.36 -7.82
CA ILE A 410 13.58 -36.68 -7.21
C ILE A 410 13.23 -37.81 -8.19
N VAL A 411 12.23 -37.59 -9.04
CA VAL A 411 11.67 -38.66 -9.86
C VAL A 411 12.70 -39.26 -10.82
N VAL A 412 13.19 -38.46 -11.76
CA VAL A 412 14.23 -38.93 -12.70
C VAL A 412 15.42 -39.60 -12.01
N VAL A 413 15.76 -39.15 -10.81
CA VAL A 413 16.89 -39.71 -10.06
C VAL A 413 16.61 -41.13 -9.56
N GLU A 414 15.50 -41.30 -8.85
CA GLU A 414 15.14 -42.58 -8.25
C GLU A 414 14.58 -43.57 -9.27
N ASN A 415 14.19 -43.09 -10.45
CA ASN A 415 13.69 -43.96 -11.52
C ASN A 415 14.84 -44.68 -12.20
N VAL A 416 16.03 -44.08 -12.15
CA VAL A 416 17.26 -44.79 -12.52
C VAL A 416 17.52 -45.85 -11.46
N GLU A 417 17.38 -45.46 -10.20
CA GLU A 417 17.71 -46.32 -9.05
C GLU A 417 16.90 -47.62 -8.99
N ARG A 418 15.73 -47.64 -9.59
CA ARG A 418 14.94 -48.87 -9.70
C ARG A 418 15.54 -49.75 -10.80
N VAL A 419 15.89 -49.15 -11.93
CA VAL A 419 16.51 -49.87 -13.05
C VAL A 419 17.84 -50.52 -12.65
N MET A 420 18.54 -49.98 -11.66
CA MET A 420 19.81 -50.55 -11.19
C MET A 420 19.58 -51.39 -9.92
N ALA A 421 18.67 -52.35 -10.01
CA ALA A 421 18.29 -53.21 -8.90
C ALA A 421 17.18 -54.17 -9.34
N GLU A 422 16.06 -53.59 -9.79
CA GLU A 422 14.98 -54.32 -10.46
C GLU A 422 15.52 -55.07 -11.67
N GLU A 423 16.53 -54.48 -12.32
CA GLU A 423 17.35 -55.17 -13.33
C GLU A 423 18.80 -54.69 -13.16
N GLY A 424 19.42 -55.08 -12.04
CA GLY A 424 20.76 -54.65 -11.66
C GLY A 424 21.67 -54.22 -12.80
N LEU A 425 21.88 -52.91 -12.93
CA LEU A 425 22.55 -52.33 -14.10
C LEU A 425 22.81 -50.81 -13.92
N PRO A 426 23.97 -50.46 -13.38
CA PRO A 426 24.43 -49.05 -13.23
C PRO A 426 24.37 -48.07 -14.43
N PRO A 427 24.79 -48.48 -15.64
CA PRO A 427 25.44 -47.56 -16.59
C PRO A 427 24.59 -46.49 -17.27
N LYS A 428 25.21 -45.79 -18.22
CA LYS A 428 24.56 -44.80 -19.09
C LYS A 428 23.23 -45.27 -19.68
N GLU A 429 23.19 -46.50 -20.16
CA GLU A 429 22.01 -47.02 -20.86
C GLU A 429 20.83 -47.35 -19.94
N ALA A 430 21.07 -47.41 -18.63
CA ALA A 430 19.99 -47.48 -17.64
C ALA A 430 19.34 -46.11 -17.55
N THR A 431 20.16 -45.09 -17.27
CA THR A 431 19.74 -43.68 -17.38
C THR A 431 18.93 -43.38 -18.64
N ARG A 432 19.34 -43.97 -19.76
CA ARG A 432 18.77 -43.68 -21.07
C ARG A 432 17.36 -44.25 -21.24
N LYS A 433 17.19 -45.51 -20.86
CA LYS A 433 15.94 -46.23 -21.05
C LYS A 433 14.99 -46.09 -19.85
N SER A 434 15.41 -45.30 -18.85
CA SER A 434 14.58 -45.03 -17.68
C SER A 434 13.70 -43.82 -17.93
N MET A 435 14.28 -42.76 -18.52
CA MET A 435 13.49 -41.62 -19.01
C MET A 435 13.11 -41.79 -20.48
N GLY A 436 13.07 -43.04 -20.95
CA GLY A 436 12.23 -43.42 -22.07
C GLY A 436 10.83 -43.67 -21.52
N GLN A 437 10.78 -44.17 -20.29
CA GLN A 437 9.52 -44.35 -19.55
C GLN A 437 8.95 -43.04 -18.99
N ILE A 438 9.79 -42.01 -18.84
CA ILE A 438 9.39 -40.78 -18.15
C ILE A 438 9.25 -39.57 -19.08
N GLN A 439 10.17 -39.42 -20.04
CA GLN A 439 10.17 -38.28 -20.97
C GLN A 439 8.76 -37.85 -21.41
N GLY A 440 7.92 -38.84 -21.71
CA GLY A 440 6.54 -38.59 -22.11
C GLY A 440 5.76 -37.79 -21.08
N ALA A 441 5.82 -38.22 -19.82
CA ALA A 441 5.26 -37.47 -18.69
C ALA A 441 5.85 -36.05 -18.62
N LEU A 442 6.90 -35.86 -17.81
CA LEU A 442 7.75 -34.65 -17.82
C LEU A 442 7.29 -33.43 -18.65
N VAL A 443 7.17 -33.59 -19.97
CA VAL A 443 6.75 -32.48 -20.84
C VAL A 443 5.24 -32.24 -20.79
N GLY A 444 4.46 -33.33 -20.87
CA GLY A 444 3.01 -33.28 -20.72
C GLY A 444 2.52 -32.70 -19.41
N ILE A 445 3.17 -33.05 -18.30
CA ILE A 445 2.86 -32.46 -16.99
C ILE A 445 3.28 -30.99 -16.91
N ALA A 446 4.30 -30.62 -17.67
CA ALA A 446 4.75 -29.23 -17.73
C ALA A 446 3.81 -28.34 -18.55
N MET A 447 2.97 -28.97 -19.38
CA MET A 447 2.04 -28.24 -20.25
C MET A 447 0.63 -28.15 -19.67
N VAL A 448 0.41 -28.77 -18.51
CA VAL A 448 -0.88 -28.71 -17.81
C VAL A 448 -0.76 -27.84 -16.55
N LEU A 449 0.38 -27.96 -15.87
CA LEU A 449 0.81 -26.97 -14.89
C LEU A 449 0.94 -25.59 -15.55
N SER A 450 1.32 -25.57 -16.82
CA SER A 450 1.44 -24.33 -17.61
C SER A 450 0.15 -23.55 -17.76
N ALA A 451 -0.98 -24.14 -17.37
CA ALA A 451 -2.23 -23.40 -17.38
C ALA A 451 -3.23 -23.82 -16.29
N VAL A 452 -2.70 -24.25 -15.15
CA VAL A 452 -3.39 -24.00 -13.89
C VAL A 452 -2.95 -22.60 -13.45
N PHE A 453 -1.82 -22.14 -14.02
CA PHE A 453 -1.10 -20.98 -13.53
C PHE A 453 -1.36 -19.69 -14.34
N VAL A 454 -1.09 -19.72 -15.64
CA VAL A 454 -1.15 -18.51 -16.47
C VAL A 454 -2.57 -17.94 -16.74
N PRO A 455 -3.54 -18.80 -17.04
CA PRO A 455 -4.96 -18.40 -17.00
C PRO A 455 -5.41 -17.74 -15.69
N MET A 456 -4.98 -18.28 -14.54
CA MET A 456 -5.23 -17.64 -13.25
C MET A 456 -4.39 -16.36 -13.15
N ALA A 457 -3.28 -16.32 -13.87
CA ALA A 457 -2.47 -15.12 -14.03
C ALA A 457 -2.89 -14.29 -15.25
N PHE A 458 -4.20 -14.16 -15.46
CA PHE A 458 -4.75 -13.21 -16.41
C PHE A 458 -5.61 -12.18 -15.65
N PHE A 459 -5.16 -11.89 -14.43
CA PHE A 459 -5.46 -10.68 -13.64
C PHE A 459 -6.50 -9.68 -14.15
N GLY A 460 -7.16 -9.01 -13.20
CA GLY A 460 -8.14 -7.98 -13.49
C GLY A 460 -8.29 -6.96 -12.38
N GLY A 461 -7.58 -5.84 -12.52
CA GLY A 461 -7.75 -4.69 -11.64
C GLY A 461 -6.63 -4.50 -10.61
N SER A 462 -6.98 -3.93 -9.46
CA SER A 462 -6.04 -3.69 -8.36
C SER A 462 -5.34 -4.96 -7.89
N THR A 463 -6.01 -6.10 -8.12
CA THR A 463 -5.42 -7.41 -7.90
C THR A 463 -4.71 -7.86 -9.18
N GLY A 464 -3.87 -6.97 -9.71
CA GLY A 464 -3.17 -7.19 -10.97
C GLY A 464 -1.97 -8.06 -10.78
N ALA A 465 -1.05 -7.63 -9.91
CA ALA A 465 0.19 -8.37 -9.64
C ALA A 465 0.01 -9.55 -8.68
N ILE A 466 -1.23 -9.87 -8.33
CA ILE A 466 -1.52 -10.70 -7.16
C ILE A 466 -1.64 -12.18 -7.53
N TYR A 467 -2.49 -12.50 -8.49
CA TYR A 467 -2.49 -13.83 -9.11
C TYR A 467 -1.55 -13.84 -10.32
N ARG A 468 -0.89 -12.72 -10.55
CA ARG A 468 0.06 -12.55 -11.66
C ARG A 468 1.35 -13.27 -11.27
N GLN A 469 2.37 -12.50 -10.88
CA GLN A 469 3.47 -12.94 -10.02
C GLN A 469 3.19 -14.16 -9.12
N SER A 471 1.99 -16.63 -10.25
CA SER A 471 2.19 -17.63 -11.28
C SER A 471 3.38 -17.06 -12.06
N ILE A 472 3.59 -17.45 -13.33
CA ILE A 472 4.68 -16.90 -14.16
C ILE A 472 6.05 -16.89 -13.44
N THR A 473 6.14 -16.25 -12.28
CA THR A 473 7.18 -16.56 -11.29
C THR A 473 7.18 -18.07 -11.01
N ILE A 474 6.00 -18.61 -10.69
CA ILE A 474 5.84 -20.07 -10.70
C ILE A 474 6.14 -20.87 -12.01
N VAL A 475 5.70 -20.37 -13.16
CA VAL A 475 5.84 -21.08 -14.43
C VAL A 475 7.28 -21.09 -14.93
N SER A 476 7.94 -19.93 -14.84
CA SER A 476 9.37 -19.83 -15.07
C SER A 476 10.13 -20.86 -14.24
N ALA A 477 9.70 -21.07 -12.99
CA ALA A 477 10.30 -22.06 -12.10
C ALA A 477 9.99 -23.49 -12.56
N MET A 478 8.79 -23.72 -13.09
CA MET A 478 8.39 -25.03 -13.58
C MET A 478 9.18 -25.44 -14.82
N ALA A 479 9.24 -24.55 -15.81
CA ALA A 479 9.82 -24.85 -17.11
C ALA A 479 11.33 -24.95 -17.03
N LEU A 480 11.91 -24.41 -15.97
CA LEU A 480 13.32 -24.58 -15.69
C LEU A 480 13.58 -25.90 -14.98
N SER A 481 12.69 -26.31 -14.07
CA SER A 481 12.78 -27.63 -13.45
C SER A 481 12.54 -28.75 -14.48
N VAL A 482 11.87 -28.40 -15.58
CA VAL A 482 11.73 -29.30 -16.71
C VAL A 482 13.06 -29.32 -17.46
N LEU A 483 13.56 -28.13 -17.80
CA LEU A 483 14.86 -27.98 -18.47
C LEU A 483 15.98 -28.66 -17.67
N VAL A 484 16.23 -28.17 -16.46
CA VAL A 484 17.11 -28.84 -15.50
C VAL A 484 16.98 -30.37 -15.50
N ALA A 485 15.75 -30.89 -15.58
CA ALA A 485 15.50 -32.34 -15.56
C ALA A 485 15.47 -33.01 -16.95
N LEU A 486 15.45 -32.21 -18.02
CA LEU A 486 15.53 -32.72 -19.40
C LEU A 486 16.98 -32.68 -19.88
N ILE A 487 17.70 -31.65 -19.43
CA ILE A 487 19.16 -31.58 -19.50
C ILE A 487 19.63 -32.00 -18.10
N LEU A 488 20.93 -31.94 -17.85
CA LEU A 488 21.49 -31.99 -16.48
C LEU A 488 21.19 -33.25 -15.66
N THR A 489 19.96 -33.41 -15.15
CA THR A 489 19.66 -34.57 -14.30
C THR A 489 19.90 -35.90 -15.03
N PRO A 490 19.34 -36.07 -16.23
CA PRO A 490 19.84 -37.05 -17.20
C PRO A 490 21.37 -37.21 -17.22
N ALA A 491 22.09 -36.10 -17.34
CA ALA A 491 23.55 -36.11 -17.32
C ALA A 491 24.11 -36.66 -16.00
N LEU A 492 23.95 -35.92 -14.90
CA LEU A 492 24.45 -36.31 -13.58
C LEU A 492 24.16 -37.78 -13.22
N CYS A 493 22.91 -38.19 -13.41
CA CYS A 493 22.50 -39.59 -13.16
C CYS A 493 23.47 -40.59 -13.79
N ALA A 494 23.83 -40.37 -15.06
CA ALA A 494 24.84 -41.18 -15.73
C ALA A 494 26.24 -40.86 -15.20
N THR A 495 26.73 -39.65 -15.49
CA THR A 495 27.99 -39.11 -14.95
C THR A 495 28.51 -39.84 -13.71
N MET A 496 27.69 -39.86 -12.67
CA MET A 496 28.07 -40.41 -11.37
C MET A 496 26.83 -40.81 -10.58
N LEU A 497 26.82 -42.05 -10.07
CA LEU A 497 25.73 -42.51 -9.20
C LEU A 497 26.22 -43.62 -8.25
N LYS A 498 26.11 -44.90 -8.65
CA LYS A 498 26.47 -46.00 -7.75
C LYS A 498 27.93 -46.40 -7.93
N PHE A 513 19.95 -52.55 7.65
CA PHE A 513 19.08 -51.70 8.44
C PHE A 513 17.64 -52.22 8.42
N GLY A 514 16.96 -52.14 9.57
CA GLY A 514 15.54 -52.43 9.64
C GLY A 514 14.81 -51.59 8.62
N TRP A 515 14.68 -50.29 8.91
CA TRP A 515 14.50 -49.24 7.90
C TRP A 515 14.06 -49.71 6.50
N PHE A 516 14.95 -50.41 5.78
CA PHE A 516 14.66 -50.93 4.44
C PHE A 516 13.72 -52.13 4.49
N ASN A 517 14.09 -53.14 5.27
CA ASN A 517 13.23 -54.30 5.52
C ASN A 517 11.78 -53.92 5.80
N ARG A 518 11.59 -52.89 6.65
CA ARG A 518 10.27 -52.32 6.92
C ARG A 518 9.58 -51.84 5.66
N MET A 519 10.22 -50.91 4.94
CA MET A 519 9.62 -50.25 3.78
C MET A 519 9.18 -51.22 2.69
N PHE A 520 10.03 -52.21 2.40
CA PHE A 520 9.72 -53.23 1.38
C PHE A 520 8.58 -54.16 1.82
N GLU A 521 8.34 -54.26 3.12
CA GLU A 521 7.16 -54.94 3.65
C GLU A 521 5.90 -54.13 3.29
N LYS A 522 5.65 -53.03 4.03
CA LYS A 522 4.49 -52.16 3.74
C LYS A 522 4.12 -52.07 2.26
N SER A 523 5.08 -51.65 1.44
CA SER A 523 4.90 -51.48 0.00
C SER A 523 4.35 -52.75 -0.64
N THR A 524 4.98 -53.89 -0.34
CA THR A 524 4.56 -55.18 -0.89
C THR A 524 3.30 -55.77 -0.24
N HIS A 525 3.06 -55.52 1.04
CA HIS A 525 2.02 -56.27 1.78
C HIS A 525 0.58 -55.76 1.54
N HIS A 526 -0.25 -55.33 2.50
CA HIS A 526 -0.10 -54.22 3.48
C HIS A 526 -0.33 -52.89 2.78
N TYR A 527 0.21 -52.76 1.56
CA TYR A 527 -0.27 -51.79 0.60
C TYR A 527 -0.81 -52.55 -0.62
N THR A 528 0.10 -52.97 -1.51
CA THR A 528 -0.24 -53.66 -2.77
C THR A 528 -1.31 -54.77 -2.68
N ASP A 529 -1.43 -55.44 -1.53
CA ASP A 529 -2.43 -56.49 -1.34
C ASP A 529 -3.78 -55.87 -1.02
N SER A 530 -3.78 -54.88 -0.13
CA SER A 530 -4.97 -54.05 0.11
C SER A 530 -5.30 -53.12 -1.06
N VAL A 531 -4.52 -53.21 -2.15
CA VAL A 531 -4.77 -52.44 -3.37
C VAL A 531 -5.57 -53.29 -4.35
N GLY A 532 -5.22 -54.58 -4.43
CA GLY A 532 -6.06 -55.55 -5.12
C GLY A 532 -7.39 -55.73 -4.40
N GLY A 533 -7.42 -55.38 -3.11
CA GLY A 533 -8.63 -55.40 -2.31
C GLY A 533 -9.57 -54.24 -2.60
N ILE A 534 -9.02 -53.04 -2.78
CA ILE A 534 -9.83 -51.88 -3.14
C ILE A 534 -10.31 -51.96 -4.60
N LEU A 535 -9.44 -52.45 -5.49
CA LEU A 535 -9.80 -52.67 -6.89
C LEU A 535 -10.82 -53.80 -7.05
N ARG A 536 -10.85 -54.72 -6.08
CA ARG A 536 -11.84 -55.81 -6.06
C ARG A 536 -13.24 -55.22 -5.91
N SER A 537 -13.39 -54.34 -4.91
CA SER A 537 -14.60 -53.53 -4.78
C SER A 537 -14.54 -52.37 -5.78
N THR A 538 -15.61 -51.59 -5.85
CA THR A 538 -15.68 -50.44 -6.76
C THR A 538 -16.77 -49.46 -6.34
N GLY A 539 -18.00 -49.96 -6.25
CA GLY A 539 -19.15 -49.12 -5.94
C GLY A 539 -19.18 -48.53 -4.55
N ARG A 540 -18.45 -49.11 -3.60
CA ARG A 540 -18.36 -48.55 -2.25
C ARG A 540 -17.43 -47.34 -2.21
N TYR A 541 -16.27 -47.47 -2.88
CA TYR A 541 -15.26 -46.40 -2.89
C TYR A 541 -15.58 -45.27 -3.87
N LEU A 542 -16.59 -45.47 -4.72
CA LEU A 542 -17.12 -44.40 -5.57
C LEU A 542 -18.14 -43.62 -4.76
N VAL A 543 -19.03 -44.36 -4.08
CA VAL A 543 -19.96 -43.78 -3.10
C VAL A 543 -19.21 -42.94 -2.07
N LEU A 544 -17.97 -43.31 -1.77
CA LEU A 544 -17.12 -42.57 -0.84
C LEU A 544 -16.54 -41.31 -1.49
N TYR A 545 -16.15 -41.42 -2.76
CA TYR A 545 -15.63 -40.28 -3.53
C TYR A 545 -16.60 -39.11 -3.58
N LEU A 546 -17.89 -39.41 -3.68
CA LEU A 546 -18.93 -38.37 -3.78
C LEU A 546 -19.21 -37.82 -2.38
N ILE A 547 -19.32 -38.73 -1.41
CA ILE A 547 -19.34 -38.38 0.02
C ILE A 547 -18.26 -37.34 0.37
N ILE A 548 -17.11 -37.43 -0.30
CA ILE A 548 -16.02 -36.48 -0.12
C ILE A 548 -16.36 -35.14 -0.75
N VAL A 549 -16.81 -35.17 -2.01
CA VAL A 549 -17.16 -33.95 -2.76
C VAL A 549 -18.26 -33.14 -2.07
N VAL A 550 -19.39 -33.79 -1.79
CA VAL A 550 -20.47 -33.23 -0.97
C VAL A 550 -19.93 -32.24 0.07
N GLY A 551 -19.00 -32.72 0.89
CA GLY A 551 -18.38 -31.92 1.93
C GLY A 551 -17.53 -30.78 1.36
N MET A 552 -16.66 -31.11 0.40
CA MET A 552 -15.83 -30.13 -0.31
C MET A 552 -16.56 -28.82 -0.63
N ALA A 553 -17.84 -28.92 -1.00
CA ALA A 553 -18.69 -27.74 -1.15
C ALA A 553 -18.91 -27.08 0.22
N TYR A 554 -19.58 -27.80 1.13
CA TYR A 554 -19.91 -27.27 2.47
C TYR A 554 -18.76 -26.53 3.19
N LEU A 555 -17.55 -27.06 3.10
CA LEU A 555 -16.37 -26.47 3.78
C LEU A 555 -15.75 -25.29 3.02
N PHE A 556 -16.43 -24.84 1.96
CA PHE A 556 -15.89 -23.87 1.00
C PHE A 556 -16.83 -22.65 0.97
N VAL A 557 -18.11 -22.91 0.72
CA VAL A 557 -19.17 -21.89 0.86
C VAL A 557 -19.14 -21.22 2.23
N ARG A 558 -18.91 -22.01 3.28
CA ARG A 558 -18.86 -21.47 4.65
C ARG A 558 -17.57 -20.71 4.93
N LEU A 559 -16.45 -21.20 4.39
CA LEU A 559 -15.16 -20.53 4.53
C LEU A 559 -15.24 -19.10 3.99
N PRO A 560 -15.13 -18.11 4.87
CA PRO A 560 -15.35 -16.70 4.49
C PRO A 560 -14.20 -16.13 3.66
N SER A 561 -14.49 -15.08 2.89
CA SER A 561 -13.53 -14.52 1.94
C SER A 561 -12.86 -13.25 2.45
N SER A 562 -11.52 -13.30 2.54
CA SER A 562 -10.69 -12.12 2.76
C SER A 562 -9.86 -11.88 1.50
N PHE A 563 -9.02 -10.85 1.50
CA PHE A 563 -8.14 -10.56 0.37
C PHE A 563 -6.69 -10.96 0.67
N LEU A 564 -6.15 -10.41 1.76
CA LEU A 564 -4.72 -10.57 2.07
C LEU A 564 -4.49 -10.17 3.53
N PRO A 565 -3.94 -11.08 4.34
CA PRO A 565 -3.92 -10.91 5.80
C PRO A 565 -3.20 -9.65 6.29
N ASP A 566 -3.70 -9.09 7.39
CA ASP A 566 -3.12 -7.90 8.01
C ASP A 566 -1.99 -8.31 8.93
N GLU A 567 -0.81 -7.74 8.74
CA GLU A 567 0.41 -8.22 9.39
C GLU A 567 0.95 -7.29 10.46
N ASP A 568 1.78 -7.87 11.34
CA ASP A 568 2.62 -7.10 12.26
C ASP A 568 3.76 -6.50 11.43
N GLN A 569 3.81 -5.17 11.38
CA GLN A 569 4.80 -4.47 10.56
C GLN A 569 5.84 -3.70 11.40
N GLY A 570 5.86 -3.98 12.70
CA GLY A 570 6.77 -3.31 13.62
C GLY A 570 6.50 -1.82 13.73
N VAL A 571 5.30 -1.41 13.32
CA VAL A 571 4.96 0.00 13.12
C VAL A 571 3.46 0.09 12.87
N PHE A 572 2.74 0.74 13.79
CA PHE A 572 1.34 1.10 13.56
C PHE A 572 1.15 2.59 13.90
N MET A 573 -0.10 3.06 13.88
CA MET A 573 -0.40 4.45 14.26
C MET A 573 -1.84 4.61 14.75
N THR A 574 -2.16 5.80 15.27
CA THR A 574 -3.41 6.04 15.98
C THR A 574 -3.85 7.50 15.89
N MET A 575 -5.09 7.73 15.45
CA MET A 575 -5.56 9.08 15.15
C MET A 575 -6.42 9.71 16.25
N VAL A 576 -6.56 11.03 16.17
CA VAL A 576 -7.31 11.84 17.14
C VAL A 576 -8.31 12.74 16.40
N GLN A 577 -9.40 13.10 17.08
CA GLN A 577 -10.42 13.99 16.52
C GLN A 577 -11.33 14.54 17.62
N LEU A 578 -11.59 15.84 17.55
CA LEU A 578 -12.31 16.57 18.60
C LEU A 578 -13.67 17.06 18.06
N PRO A 579 -14.59 17.43 18.95
CA PRO A 579 -15.92 17.87 18.53
C PRO A 579 -15.93 19.26 17.86
N ALA A 580 -17.13 19.74 17.54
CA ALA A 580 -17.32 20.98 16.81
C ALA A 580 -16.64 22.20 17.46
N GLY A 581 -15.67 22.78 16.76
CA GLY A 581 -15.05 24.03 17.16
C GLY A 581 -14.13 23.92 18.37
N ALA A 582 -13.34 22.85 18.44
CA ALA A 582 -12.29 22.72 19.46
C ALA A 582 -11.00 23.39 18.96
N THR A 583 -10.10 23.69 19.90
CA THR A 583 -8.89 24.47 19.60
C THR A 583 -7.62 23.64 19.71
N GLN A 584 -6.47 24.28 19.49
CA GLN A 584 -5.17 23.62 19.54
C GLN A 584 -4.81 23.15 20.96
N GLU A 585 -5.33 23.83 21.97
CA GLU A 585 -5.11 23.45 23.37
C GLU A 585 -5.85 22.16 23.73
N ARG A 586 -7.05 22.01 23.20
CA ARG A 586 -7.93 20.88 23.52
C ARG A 586 -7.41 19.54 22.97
N THR A 587 -7.06 19.54 21.68
CA THR A 587 -6.58 18.32 21.03
C THR A 587 -5.16 17.93 21.45
N GLN A 588 -4.38 18.91 21.90
CA GLN A 588 -3.03 18.65 22.42
C GLN A 588 -3.08 17.97 23.80
N LYS A 589 -4.16 18.21 24.54
CA LYS A 589 -4.41 17.52 25.80
C LYS A 589 -4.73 16.04 25.55
N VAL A 590 -5.39 15.76 24.43
CA VAL A 590 -5.75 14.38 24.07
C VAL A 590 -4.54 13.61 23.53
N LEU A 591 -3.70 14.28 22.74
CA LEU A 591 -2.48 13.67 22.20
C LEU A 591 -1.45 13.43 23.29
N ASN A 592 -1.57 14.18 24.38
CA ASN A 592 -0.71 14.02 25.54
C ASN A 592 -1.07 12.76 26.33
N GLU A 593 -2.36 12.63 26.66
CA GLU A 593 -2.88 11.44 27.34
C GLU A 593 -2.63 10.14 26.56
N VAL A 594 -2.63 10.24 25.22
CA VAL A 594 -2.41 9.09 24.34
C VAL A 594 -0.94 8.64 24.41
N THR A 595 -0.03 9.62 24.49
CA THR A 595 1.40 9.34 24.57
C THR A 595 1.77 8.60 25.86
N HIS A 596 0.94 8.72 26.89
CA HIS A 596 1.20 8.08 28.18
C HIS A 596 0.88 6.60 28.16
N TYR A 597 -0.18 6.21 27.45
CA TYR A 597 -0.51 4.80 27.29
C TYR A 597 0.65 4.04 26.64
N TYR A 598 1.36 4.72 25.73
CA TYR A 598 2.46 4.10 24.99
C TYR A 598 3.82 4.20 25.70
N LEU A 599 3.95 5.12 26.65
CA LEU A 599 5.21 5.28 27.38
C LEU A 599 5.12 4.71 28.79
N THR A 600 4.13 5.18 29.56
CA THR A 600 3.92 4.69 30.94
C THR A 600 3.36 3.26 31.01
N LYS A 601 2.43 2.92 30.12
CA LYS A 601 1.71 1.65 30.17
C LYS A 601 2.11 0.70 29.02
N GLU A 602 3.22 1.00 28.35
CA GLU A 602 3.68 0.18 27.23
C GLU A 602 5.16 0.43 26.95
N LYS A 603 6.00 0.24 27.96
CA LYS A 603 7.45 0.47 27.83
C LYS A 603 8.13 -0.74 27.20
N ASN A 604 7.57 -1.92 27.45
CA ASN A 604 8.13 -3.18 26.94
C ASN A 604 7.97 -3.35 25.43
N ASN A 605 6.95 -2.71 24.85
CA ASN A 605 6.61 -2.89 23.43
C ASN A 605 6.91 -1.68 22.54
N VAL A 606 6.73 -0.47 23.09
CA VAL A 606 6.93 0.77 22.32
C VAL A 606 8.33 1.34 22.52
N GLU A 607 9.05 1.51 21.41
CA GLU A 607 10.37 2.16 21.42
C GLU A 607 10.23 3.68 21.40
N SER A 608 9.26 4.20 20.66
CA SER A 608 9.07 5.65 20.51
C SER A 608 7.67 6.06 20.03
N VAL A 609 7.41 7.37 20.08
CA VAL A 609 6.16 7.97 19.59
C VAL A 609 6.44 9.28 18.87
N PHE A 610 5.61 9.63 17.90
CA PHE A 610 5.78 10.88 17.12
C PHE A 610 4.41 11.53 16.88
N ALA A 611 3.87 12.14 17.93
CA ALA A 611 2.58 12.83 17.84
C ALA A 611 2.66 14.08 16.94
N VAL A 612 1.51 14.48 16.42
CA VAL A 612 1.41 15.60 15.49
C VAL A 612 0.04 16.26 15.70
N ASN A 613 0.05 17.50 16.16
CA ASN A 613 -1.18 18.17 16.59
C ASN A 613 -1.77 19.06 15.51
N GLY A 614 -3.03 18.81 15.17
CA GLY A 614 -3.76 19.61 14.20
C GLY A 614 -3.70 19.05 12.78
N PHE A 615 -3.63 17.73 12.66
CA PHE A 615 -3.46 17.08 11.37
C PHE A 615 -3.81 15.60 11.48
N GLY A 616 -5.01 15.24 11.04
CA GLY A 616 -5.45 13.85 10.96
C GLY A 616 -5.36 13.38 9.53
N PHE A 617 -5.54 12.07 9.31
CA PHE A 617 -5.53 11.53 7.95
C PHE A 617 -6.93 11.60 7.32
N ALA A 618 -7.90 12.13 8.06
CA ALA A 618 -9.16 12.58 7.48
C ALA A 618 -8.89 13.77 6.59
N GLY A 619 -8.19 14.78 7.14
CA GLY A 619 -7.81 15.95 6.37
C GLY A 619 -6.89 16.90 7.12
N ARG A 620 -7.45 17.99 7.64
CA ARG A 620 -6.67 19.01 8.34
C ARG A 620 -7.53 19.92 9.22
N GLY A 621 -6.85 20.68 10.08
CA GLY A 621 -7.51 21.58 11.01
C GLY A 621 -7.05 21.34 12.44
N GLN A 622 -7.26 22.32 13.31
CA GLN A 622 -6.86 22.21 14.72
C GLN A 622 -7.86 21.37 15.55
N ASN A 623 -8.73 20.64 14.86
CA ASN A 623 -9.67 19.71 15.50
C ASN A 623 -9.14 18.27 15.54
N THR A 624 -7.96 18.02 14.97
CA THR A 624 -7.46 16.65 14.78
C THR A 624 -6.05 16.44 15.34
N GLY A 625 -5.58 15.19 15.25
CA GLY A 625 -4.22 14.83 15.61
C GLY A 625 -3.80 13.49 15.05
N ILE A 626 -2.56 13.06 15.33
CA ILE A 626 -2.03 11.78 14.84
C ILE A 626 -0.66 11.44 15.44
N ALA A 627 -0.58 10.29 16.11
CA ALA A 627 0.69 9.78 16.64
C ALA A 627 1.19 8.62 15.80
N PHE A 628 2.48 8.65 15.45
CA PHE A 628 3.11 7.58 14.67
C PHE A 628 3.96 6.71 15.59
N VAL A 629 3.50 5.48 15.83
CA VAL A 629 4.19 4.54 16.71
C VAL A 629 5.34 3.83 15.97
N SER A 630 6.42 3.60 16.70
CA SER A 630 7.55 2.80 16.22
C SER A 630 7.89 1.77 17.29
N LEU A 631 7.42 0.54 17.09
CA LEU A 631 7.58 -0.52 18.10
C LEU A 631 9.00 -1.05 18.16
N LYS A 632 9.43 -1.40 19.38
CA LYS A 632 10.65 -2.17 19.59
C LYS A 632 10.63 -3.44 18.74
N ASP A 633 11.80 -3.85 18.25
CA ASP A 633 11.95 -5.01 17.36
C ASP A 633 11.25 -6.30 17.81
N TRP A 634 11.18 -7.26 16.90
CA TRP A 634 10.37 -8.47 17.07
C TRP A 634 10.97 -9.45 18.09
N ALA A 635 12.28 -9.39 18.27
CA ALA A 635 12.98 -10.27 19.21
C ALA A 635 12.59 -9.97 20.66
N ASP A 636 12.48 -8.68 20.99
CA ASP A 636 12.11 -8.24 22.35
C ASP A 636 10.60 -8.26 22.60
N ARG A 637 9.82 -8.65 21.58
CA ARG A 637 8.37 -8.80 21.70
C ARG A 637 7.99 -10.27 21.46
N PRO A 638 7.89 -11.06 22.53
CA PRO A 638 7.69 -12.50 22.41
C PRO A 638 6.26 -12.95 22.12
N GLY A 639 5.33 -12.60 23.01
CA GLY A 639 3.98 -13.15 22.97
C GLY A 639 3.07 -12.55 21.91
N GLU A 640 1.89 -13.15 21.75
CA GLU A 640 0.82 -12.59 20.93
C GLU A 640 0.30 -11.32 21.60
N GLU A 641 0.25 -11.37 22.94
CA GLU A 641 -0.02 -10.19 23.76
C GLU A 641 0.76 -8.97 23.28
N ASN A 642 2.06 -9.17 23.05
CA ASN A 642 2.96 -8.08 22.65
C ASN A 642 3.14 -7.98 21.13
N LYS A 643 2.01 -7.88 20.43
CA LYS A 643 2.00 -7.75 18.97
C LYS A 643 0.75 -6.96 18.52
N VAL A 644 0.85 -6.26 17.39
CA VAL A 644 -0.08 -5.17 17.02
C VAL A 644 -1.57 -5.43 17.23
N GLU A 645 -2.03 -6.67 17.06
CA GLU A 645 -3.45 -6.97 17.24
C GLU A 645 -3.88 -6.72 18.69
N ALA A 646 -3.14 -7.30 19.63
CA ALA A 646 -3.40 -7.13 21.06
C ALA A 646 -3.05 -5.72 21.58
N ILE A 647 -2.03 -5.09 20.98
CA ILE A 647 -1.56 -3.77 21.44
C ILE A 647 -2.57 -2.67 21.11
N THR A 648 -3.13 -2.72 19.91
CA THR A 648 -4.13 -1.75 19.46
C THR A 648 -5.54 -2.08 19.96
N MET A 649 -5.72 -3.24 20.59
CA MET A 649 -7.00 -3.67 21.11
C MET A 649 -7.29 -3.03 22.47
N ARG A 650 -6.32 -3.12 23.38
CA ARG A 650 -6.44 -2.50 24.71
C ARG A 650 -6.07 -1.02 24.67
N ALA A 651 -5.51 -0.56 23.55
CA ALA A 651 -5.32 0.87 23.30
C ALA A 651 -6.67 1.51 22.99
N THR A 652 -7.42 0.90 22.09
CA THR A 652 -8.77 1.37 21.73
C THR A 652 -9.74 1.35 22.91
N ARG A 653 -9.60 0.35 23.77
CA ARG A 653 -10.43 0.21 24.97
C ARG A 653 -10.13 1.34 25.97
N ALA A 654 -8.86 1.70 26.08
CA ALA A 654 -8.42 2.74 27.00
C ALA A 654 -8.79 4.16 26.52
N PHE A 655 -8.87 4.34 25.20
CA PHE A 655 -9.18 5.65 24.62
C PHE A 655 -10.69 5.88 24.46
N SER A 656 -11.48 4.82 24.65
CA SER A 656 -12.94 4.93 24.70
C SER A 656 -13.43 5.06 26.14
N GLN A 657 -12.54 4.77 27.09
CA GLN A 657 -12.89 4.75 28.51
C GLN A 657 -12.54 6.06 29.21
N ILE A 658 -11.25 6.37 29.29
CA ILE A 658 -10.77 7.55 30.02
C ILE A 658 -10.50 8.76 29.10
N LYS A 659 -11.37 8.94 28.10
CA LYS A 659 -11.33 10.11 27.22
C LYS A 659 -12.73 10.71 27.08
N ASP A 660 -12.81 11.85 26.39
CA ASP A 660 -14.07 12.55 26.20
C ASP A 660 -14.20 13.23 24.83
N ALA A 661 -13.51 12.67 23.83
CA ALA A 661 -13.57 13.18 22.45
C ALA A 661 -13.78 12.04 21.45
N MET A 662 -12.77 11.70 20.66
CA MET A 662 -12.90 10.68 19.62
C MET A 662 -11.52 10.17 19.19
N VAL A 663 -11.04 9.15 19.89
CA VAL A 663 -9.73 8.54 19.61
C VAL A 663 -9.91 7.04 19.34
N PHE A 664 -9.10 6.52 18.42
CA PHE A 664 -9.22 5.12 17.98
C PHE A 664 -7.91 4.34 18.13
N ALA A 665 -7.10 4.31 17.07
CA ALA A 665 -5.95 3.42 16.89
C ALA A 665 -6.32 2.30 15.94
N PHE A 666 -5.64 2.25 14.79
CA PHE A 666 -5.92 1.25 13.75
C PHE A 666 -4.67 0.46 13.36
N ASN A 667 -4.89 -0.74 12.82
CA ASN A 667 -3.82 -1.58 12.30
C ASN A 667 -3.29 -1.02 10.97
N LEU A 668 -2.13 -1.53 10.55
CA LEU A 668 -1.46 -1.06 9.34
C LEU A 668 -1.59 -2.12 8.23
N PRO A 669 -2.52 -1.92 7.29
CA PRO A 669 -2.76 -2.89 6.21
C PRO A 669 -1.51 -3.28 5.42
N ALA A 670 -0.77 -2.28 4.93
CA ALA A 670 0.26 -2.42 3.89
C ALA A 670 -0.41 -2.06 2.56
N ILE A 671 -0.66 -3.06 1.69
CA ILE A 671 -1.66 -2.97 0.63
C ILE A 671 -1.84 -1.52 0.13
N VAL A 672 -3.09 -1.05 0.10
CA VAL A 672 -3.40 0.37 0.17
C VAL A 672 -4.65 0.50 1.07
N GLU A 673 -5.35 1.63 1.03
CA GLU A 673 -6.56 1.81 1.84
C GLU A 673 -7.67 0.83 1.47
N LEU A 674 -7.78 0.50 0.18
CA LEU A 674 -8.88 -0.33 -0.32
C LEU A 674 -8.69 -1.82 -0.04
N GLY A 675 -9.69 -2.61 -0.45
CA GLY A 675 -9.65 -4.06 -0.28
C GLY A 675 -9.83 -4.47 1.17
N THR A 676 -10.78 -3.82 1.85
CA THR A 676 -11.12 -4.17 3.22
C THR A 676 -11.82 -5.52 3.24
N ALA A 677 -12.70 -5.72 2.26
CA ALA A 677 -13.45 -6.97 2.08
C ALA A 677 -14.50 -7.13 3.20
N THR A 678 -15.72 -7.51 2.80
CA THR A 678 -16.90 -7.38 3.66
C THR A 678 -17.03 -5.91 4.08
N GLY A 679 -16.77 -5.02 3.13
CA GLY A 679 -16.79 -3.58 3.35
C GLY A 679 -16.99 -2.79 2.06
N PHE A 680 -17.40 -1.53 2.19
CA PHE A 680 -17.69 -0.70 1.02
C PHE A 680 -17.44 0.79 1.22
N ASP A 681 -17.59 1.55 0.13
CA ASP A 681 -17.47 3.01 0.16
C ASP A 681 -18.53 3.61 -0.77
N PHE A 682 -19.69 3.92 -0.20
CA PHE A 682 -20.78 4.56 -0.94
C PHE A 682 -20.48 6.07 -1.10
N GLU A 683 -21.22 6.73 -1.98
CA GLU A 683 -21.19 8.19 -2.08
C GLU A 683 -22.48 8.72 -2.69
N LEU A 684 -23.11 9.68 -2.01
CA LEU A 684 -24.38 10.26 -2.44
C LEU A 684 -24.13 11.57 -3.19
N ILE A 685 -24.70 11.66 -4.40
CA ILE A 685 -24.47 12.78 -5.29
C ILE A 685 -25.74 13.64 -5.43
N ASP A 686 -25.54 14.95 -5.56
CA ASP A 686 -26.60 15.88 -5.94
C ASP A 686 -26.49 16.12 -7.45
N GLN A 687 -27.46 15.61 -8.20
CA GLN A 687 -27.46 15.71 -9.65
C GLN A 687 -28.26 16.92 -10.13
N ALA A 688 -29.36 17.22 -9.44
CA ALA A 688 -30.21 18.37 -9.78
C ALA A 688 -29.64 19.68 -9.20
N GLY A 689 -30.45 20.73 -9.21
CA GLY A 689 -30.02 22.04 -8.75
C GLY A 689 -30.30 22.35 -7.29
N LEU A 690 -30.23 21.35 -6.42
CA LEU A 690 -30.32 21.58 -4.97
C LEU A 690 -28.93 21.96 -4.43
N GLY A 691 -28.86 22.32 -3.15
CA GLY A 691 -27.63 22.79 -2.54
C GLY A 691 -27.10 21.87 -1.44
N HIS A 692 -26.19 22.41 -0.64
CA HIS A 692 -25.57 21.67 0.46
C HIS A 692 -26.54 21.38 1.62
N GLU A 693 -27.59 22.20 1.75
CA GLU A 693 -28.53 22.09 2.86
C GLU A 693 -29.53 20.95 2.63
N LYS A 694 -29.95 20.77 1.38
CA LYS A 694 -30.88 19.70 1.02
C LYS A 694 -30.16 18.36 0.81
N LEU A 695 -28.84 18.41 0.63
CA LEU A 695 -28.03 17.20 0.47
C LEU A 695 -27.74 16.58 1.84
N THR A 696 -27.48 17.44 2.83
CA THR A 696 -27.26 16.99 4.21
C THR A 696 -28.48 16.25 4.75
N GLN A 697 -29.68 16.76 4.43
CA GLN A 697 -30.93 16.12 4.86
C GLN A 697 -31.15 14.77 4.19
N ALA A 698 -30.72 14.64 2.94
CA ALA A 698 -30.90 13.41 2.15
C ALA A 698 -30.01 12.27 2.64
N ARG A 699 -28.76 12.58 2.97
CA ARG A 699 -27.80 11.58 3.46
C ARG A 699 -28.14 11.16 4.88
N ASN A 700 -28.74 12.06 5.65
CA ASN A 700 -29.24 11.75 7.00
C ASN A 700 -30.35 10.70 6.94
N GLN A 701 -31.20 10.80 5.91
CA GLN A 701 -32.29 9.86 5.71
C GLN A 701 -31.80 8.48 5.26
N LEU A 702 -30.70 8.45 4.51
CA LEU A 702 -30.12 7.20 4.04
C LEU A 702 -29.34 6.48 5.14
N LEU A 703 -28.79 7.25 6.07
CA LEU A 703 -28.10 6.71 7.25
C LEU A 703 -29.12 6.15 8.24
N ALA A 704 -30.34 6.67 8.19
CA ALA A 704 -31.41 6.28 9.11
C ALA A 704 -32.11 4.99 8.67
N GLU A 705 -32.35 4.86 7.36
CA GLU A 705 -32.98 3.66 6.80
C GLU A 705 -32.02 2.48 6.85
N ALA A 706 -30.72 2.77 6.76
CA ALA A 706 -29.68 1.76 6.92
C ALA A 706 -29.62 1.26 8.35
N ALA A 707 -29.87 2.16 9.31
CA ALA A 707 -29.79 1.85 10.73
C ALA A 707 -31.15 1.62 11.40
N LYS A 708 -32.21 1.44 10.61
CA LYS A 708 -33.53 1.11 11.17
C LYS A 708 -34.23 -0.12 10.54
N HIS A 709 -33.57 -0.79 9.59
CA HIS A 709 -33.93 -2.17 9.26
C HIS A 709 -32.73 -3.09 8.89
N PRO A 710 -31.66 -3.05 9.69
CA PRO A 710 -30.52 -3.94 9.46
C PRO A 710 -30.49 -5.15 10.43
N ASP A 711 -30.57 -6.41 9.99
CA ASP A 711 -31.17 -6.88 8.71
C ASP A 711 -30.54 -7.16 7.34
N MET A 712 -29.61 -8.13 7.25
CA MET A 712 -28.84 -8.63 8.38
C MET A 712 -27.74 -7.58 8.53
N LEU A 713 -27.60 -7.07 9.75
CA LEU A 713 -27.20 -5.67 9.99
C LEU A 713 -25.91 -5.08 9.38
N THR A 714 -25.51 -3.91 9.88
CA THR A 714 -24.51 -3.07 9.19
C THR A 714 -23.90 -2.06 10.16
N SER A 715 -22.84 -1.39 9.70
CA SER A 715 -22.25 -0.26 10.42
C SER A 715 -21.93 0.86 9.43
N VAL A 716 -22.61 2.00 9.57
CA VAL A 716 -22.60 3.05 8.53
C VAL A 716 -22.55 4.45 9.14
N ARG A 717 -21.63 5.27 8.64
CA ARG A 717 -21.48 6.66 9.12
C ARG A 717 -20.72 7.55 8.13
N PRO A 718 -21.00 8.85 8.13
CA PRO A 718 -20.32 9.80 7.23
C PRO A 718 -18.81 9.89 7.42
N ASN A 719 -18.11 10.41 6.42
CA ASN A 719 -16.66 10.52 6.46
C ASN A 719 -16.19 11.62 7.42
N GLY A 720 -16.78 12.81 7.29
CA GLY A 720 -16.45 13.90 8.20
C GLY A 720 -17.01 15.27 7.80
N LEU A 721 -18.34 15.39 7.78
CA LEU A 721 -19.00 16.68 7.67
C LEU A 721 -19.52 17.10 9.05
N GLU A 722 -18.66 17.06 10.07
CA GLU A 722 -19.13 17.33 11.42
C GLU A 722 -20.19 18.39 11.80
N ASP A 723 -20.23 19.43 10.95
CA ASP A 723 -21.29 20.45 10.90
C ASP A 723 -21.20 21.41 12.10
N THR A 724 -20.44 22.49 11.89
CA THR A 724 -20.16 23.46 12.95
C THR A 724 -20.48 24.89 12.48
N PRO A 725 -20.67 25.82 13.43
CA PRO A 725 -21.04 27.20 13.10
C PRO A 725 -19.92 28.04 12.48
N GLN A 726 -20.29 29.22 11.98
CA GLN A 726 -19.38 30.13 11.30
C GLN A 726 -19.84 31.58 11.53
N PHE A 727 -18.90 32.46 11.85
CA PHE A 727 -19.21 33.85 12.21
C PHE A 727 -19.28 34.78 10.99
N LYS A 728 -20.47 34.94 10.43
CA LYS A 728 -20.67 35.83 9.27
C LYS A 728 -20.66 37.30 9.68
N ILE A 729 -20.06 38.13 8.83
CA ILE A 729 -20.06 39.59 8.99
C ILE A 729 -20.73 40.20 7.76
N ASP A 730 -21.73 41.05 8.01
CA ASP A 730 -22.50 41.69 6.94
C ASP A 730 -22.07 43.14 6.80
N ILE A 731 -21.24 43.41 5.78
CA ILE A 731 -20.77 44.77 5.52
C ILE A 731 -21.78 45.48 4.62
N ASP A 732 -22.53 46.42 5.22
CA ASP A 732 -23.48 47.24 4.48
C ASP A 732 -22.73 48.23 3.59
N GLN A 733 -23.16 48.34 2.34
CA GLN A 733 -22.41 49.09 1.31
C GLN A 733 -22.81 50.55 1.19
N GLU A 734 -24.06 50.88 1.51
CA GLU A 734 -24.51 52.29 1.52
C GLU A 734 -24.01 53.01 2.77
N LYS A 735 -23.88 52.28 3.88
CA LYS A 735 -23.33 52.83 5.11
C LYS A 735 -21.84 53.12 4.97
N ALA A 736 -21.14 52.28 4.22
CA ALA A 736 -19.70 52.43 4.01
C ALA A 736 -19.37 53.67 3.19
N GLN A 737 -19.91 53.74 1.98
CA GLN A 737 -19.64 54.85 1.05
C GLN A 737 -20.08 56.20 1.61
N ALA A 738 -21.11 56.20 2.45
CA ALA A 738 -21.61 57.41 3.10
C ALA A 738 -20.52 58.15 3.87
N LEU A 739 -19.87 57.46 4.80
CA LEU A 739 -18.86 58.08 5.66
C LEU A 739 -17.50 58.19 4.95
N GLY A 740 -17.38 57.52 3.80
CA GLY A 740 -16.24 57.69 2.91
C GLY A 740 -15.13 56.67 3.05
N VAL A 741 -15.49 55.39 3.14
CA VAL A 741 -14.51 54.30 3.19
C VAL A 741 -14.61 53.44 1.95
N SER A 742 -13.46 53.12 1.36
CA SER A 742 -13.40 52.24 0.19
C SER A 742 -13.62 50.81 0.64
N ILE A 743 -14.36 50.04 -0.17
CA ILE A 743 -14.62 48.63 0.13
C ILE A 743 -13.35 47.79 -0.07
N ASN A 744 -12.43 48.30 -0.89
CA ASN A 744 -11.12 47.68 -1.03
C ASN A 744 -10.36 47.74 0.30
N ASP A 745 -10.22 48.96 0.84
CA ASP A 745 -9.56 49.18 2.14
C ASP A 745 -10.11 48.30 3.26
N ILE A 746 -11.44 48.12 3.27
CA ILE A 746 -12.11 47.36 4.33
C ILE A 746 -11.82 45.85 4.22
N ASN A 747 -11.77 45.34 2.99
CA ASN A 747 -11.56 43.91 2.74
C ASN A 747 -10.15 43.41 3.02
N THR A 748 -9.15 44.28 2.88
CA THR A 748 -7.77 43.91 3.21
C THR A 748 -7.45 44.23 4.67
N THR A 749 -8.38 44.88 5.36
CA THR A 749 -8.27 45.10 6.80
C THR A 749 -8.78 43.88 7.57
N LEU A 750 -9.87 43.29 7.11
CA LEU A 750 -10.47 42.11 7.73
C LEU A 750 -9.74 40.83 7.32
N GLY A 751 -9.21 40.80 6.09
CA GLY A 751 -8.56 39.64 5.54
C GLY A 751 -7.11 39.49 5.97
N ALA A 752 -6.39 40.60 6.00
CA ALA A 752 -5.00 40.61 6.43
C ALA A 752 -4.85 40.47 7.94
N ALA A 753 -5.80 41.01 8.69
CA ALA A 753 -5.72 41.02 10.16
C ALA A 753 -6.06 39.66 10.77
N TRP A 754 -7.18 39.09 10.38
CA TRP A 754 -7.69 37.85 10.98
C TRP A 754 -7.11 36.60 10.34
N GLY A 755 -6.96 36.62 9.01
CA GLY A 755 -6.50 35.47 8.25
C GLY A 755 -5.05 35.54 7.79
N GLY A 756 -4.45 36.72 7.83
CA GLY A 756 -3.10 36.91 7.35
C GLY A 756 -3.06 37.29 5.87
N SER A 757 -1.88 37.64 5.37
CA SER A 757 -1.71 38.03 3.98
C SER A 757 -0.26 37.95 3.52
N TYR A 758 -0.01 37.18 2.46
CA TYR A 758 1.31 37.03 1.87
C TYR A 758 1.66 38.29 1.07
N VAL A 759 2.52 39.12 1.64
CA VAL A 759 2.85 40.45 1.09
C VAL A 759 3.97 40.41 0.07
N ASN A 760 5.15 39.95 0.52
CA ASN A 760 6.39 40.09 -0.26
C ASN A 760 7.46 39.08 0.20
N ASP A 761 8.54 38.95 -0.57
CA ASP A 761 9.65 38.07 -0.21
C ASP A 761 10.86 38.85 0.32
N PHE A 762 11.56 38.25 1.28
CA PHE A 762 12.82 38.78 1.81
C PHE A 762 13.88 37.67 1.80
N ILE A 763 15.05 37.94 2.39
CA ILE A 763 16.15 36.98 2.45
C ILE A 763 16.70 36.86 3.87
N ASP A 764 16.54 35.67 4.46
CA ASP A 764 17.13 35.35 5.76
C ASP A 764 18.27 34.35 5.58
N ARG A 765 19.49 34.78 5.93
CA ARG A 765 20.68 33.92 5.90
C ARG A 765 20.97 33.35 4.49
N GLY A 766 20.69 34.14 3.45
CA GLY A 766 20.94 33.73 2.08
C GLY A 766 19.70 33.19 1.38
N ARG A 767 18.94 32.37 2.08
CA ARG A 767 17.75 31.73 1.51
C ARG A 767 16.56 32.69 1.49
N VAL A 768 15.81 32.69 0.39
CA VAL A 768 14.64 33.56 0.25
C VAL A 768 13.39 32.89 0.82
N LYS A 769 12.76 33.55 1.80
CA LYS A 769 11.54 33.07 2.44
C LYS A 769 10.43 34.11 2.29
N LYS A 770 9.30 33.88 2.97
CA LYS A 770 8.13 34.76 2.82
C LYS A 770 8.02 35.78 3.95
N VAL A 771 7.17 36.79 3.72
CA VAL A 771 6.85 37.81 4.72
C VAL A 771 5.34 37.85 4.89
N TYR A 772 4.86 37.65 6.12
CA TYR A 772 3.42 37.68 6.40
C TYR A 772 3.06 38.83 7.34
N VAL A 773 1.82 39.30 7.21
CA VAL A 773 1.29 40.39 8.02
C VAL A 773 -0.09 39.98 8.54
N MET A 774 -0.31 40.12 9.85
CA MET A 774 -1.51 39.61 10.50
C MET A 774 -1.95 40.46 11.71
N SER A 775 -1.56 40.06 12.92
CA SER A 775 -1.98 40.75 14.16
C SER A 775 -1.57 39.96 15.39
N GLU A 776 -1.35 40.66 16.50
CA GLU A 776 -1.13 39.99 17.79
C GLU A 776 -2.34 39.13 18.11
N ALA A 777 -2.10 37.97 18.72
CA ALA A 777 -3.14 36.97 18.92
C ALA A 777 -4.37 37.48 19.67
N LYS A 778 -4.16 38.34 20.66
CA LYS A 778 -5.24 38.76 21.57
C LYS A 778 -6.30 39.70 20.94
N TYR A 779 -5.97 40.33 19.81
CA TYR A 779 -6.90 41.22 19.12
C TYR A 779 -7.71 40.52 18.02
N ARG A 780 -7.74 39.19 18.04
CA ARG A 780 -8.47 38.42 17.04
C ARG A 780 -8.82 37.01 17.52
N MET A 781 -9.48 36.95 18.68
CA MET A 781 -9.89 35.68 19.28
C MET A 781 -11.42 35.52 19.35
N LEU A 782 -12.13 36.62 19.63
CA LEU A 782 -13.57 36.57 19.87
C LEU A 782 -14.34 37.52 18.94
N PRO A 783 -15.68 37.43 18.93
CA PRO A 783 -16.51 38.30 18.08
C PRO A 783 -16.43 39.81 18.40
N ASP A 784 -16.18 40.17 19.66
CA ASP A 784 -16.19 41.57 20.07
C ASP A 784 -14.91 42.34 19.69
N ASP A 785 -13.90 41.64 19.21
CA ASP A 785 -12.64 42.26 18.78
C ASP A 785 -12.70 42.79 17.34
N ILE A 786 -13.85 42.64 16.67
CA ILE A 786 -14.05 43.16 15.32
C ILE A 786 -14.02 44.69 15.32
N GLY A 787 -14.72 45.29 16.28
CA GLY A 787 -14.87 46.73 16.35
C GLY A 787 -13.63 47.52 16.80
N ASP A 788 -12.61 46.81 17.28
CA ASP A 788 -11.36 47.44 17.70
C ASP A 788 -10.50 47.91 16.51
N TRP A 789 -10.80 47.39 15.32
CA TRP A 789 -10.07 47.77 14.11
C TRP A 789 -10.72 48.99 13.45
N TYR A 790 -9.91 50.02 13.20
CA TYR A 790 -10.40 51.28 12.63
C TYR A 790 -9.83 51.50 11.22
N VAL A 791 -10.71 51.50 10.22
CA VAL A 791 -10.35 51.82 8.84
C VAL A 791 -10.25 53.34 8.69
N ARG A 792 -9.48 53.80 7.71
CA ARG A 792 -9.37 55.23 7.40
C ARG A 792 -10.34 55.59 6.28
N ALA A 793 -11.06 56.69 6.47
CA ALA A 793 -11.98 57.21 5.47
C ALA A 793 -11.34 58.39 4.73
N ALA A 794 -11.65 58.51 3.44
CA ALA A 794 -11.31 59.68 2.62
C ALA A 794 -11.10 61.00 3.38
N ASP A 795 -11.98 61.30 4.32
CA ASP A 795 -11.93 62.55 5.09
C ASP A 795 -10.96 62.56 6.29
N GLY A 796 -9.91 61.74 6.23
CA GLY A 796 -8.87 61.69 7.24
C GLY A 796 -9.31 61.45 8.69
N GLN A 797 -10.43 60.76 8.89
CA GLN A 797 -10.89 60.43 10.24
C GLN A 797 -11.19 58.94 10.37
N MET A 798 -10.93 58.38 11.57
CA MET A 798 -11.08 56.95 11.80
C MET A 798 -12.54 56.53 11.88
N VAL A 799 -12.79 55.27 11.52
CA VAL A 799 -14.13 54.70 11.47
C VAL A 799 -14.06 53.24 11.94
N PRO A 800 -14.71 52.92 13.06
CA PRO A 800 -14.68 51.54 13.58
C PRO A 800 -15.44 50.57 12.68
N PHE A 801 -15.18 49.28 12.85
CA PHE A 801 -15.85 48.24 12.05
C PHE A 801 -17.32 48.13 12.42
N SER A 802 -17.65 48.38 13.69
CA SER A 802 -19.04 48.30 14.15
C SER A 802 -19.99 49.31 13.50
N ALA A 803 -19.44 50.36 12.90
CA ALA A 803 -20.23 51.38 12.21
C ALA A 803 -21.03 50.80 11.03
N PHE A 804 -20.36 50.00 10.20
CA PHE A 804 -20.98 49.42 9.00
C PHE A 804 -21.29 47.92 9.12
N SER A 805 -20.49 47.20 9.91
CA SER A 805 -20.60 45.74 10.02
C SER A 805 -21.79 45.32 10.89
N SER A 806 -22.08 44.01 10.87
CA SER A 806 -23.18 43.44 11.65
C SER A 806 -22.87 41.98 12.01
N SER A 807 -22.84 41.70 13.32
CA SER A 807 -22.40 40.39 13.83
C SER A 807 -23.57 39.40 14.01
N ARG A 808 -23.40 38.19 13.49
CA ARG A 808 -24.36 37.09 13.70
C ARG A 808 -23.79 35.73 13.26
N TRP A 809 -24.23 34.67 13.93
CA TRP A 809 -23.76 33.32 13.65
C TRP A 809 -24.59 32.63 12.57
N GLU A 810 -24.05 31.53 12.02
CA GLU A 810 -24.65 30.84 10.89
C GLU A 810 -24.04 29.44 10.70
N TYR A 811 -24.85 28.47 10.30
CA TYR A 811 -24.40 27.08 10.17
C TYR A 811 -23.87 26.77 8.77
N GLY A 812 -22.62 26.31 8.71
CA GLY A 812 -22.00 25.85 7.47
C GLY A 812 -21.29 24.52 7.66
N SER A 813 -20.46 24.16 6.68
CA SER A 813 -19.72 22.90 6.70
C SER A 813 -18.22 23.14 6.49
N PRO A 814 -17.38 22.63 7.39
CA PRO A 814 -15.93 22.82 7.30
C PRO A 814 -15.22 21.89 6.28
N ARG A 815 -15.98 21.02 5.60
CA ARG A 815 -15.41 20.16 4.56
C ARG A 815 -16.47 19.82 3.52
N LEU A 816 -16.58 20.67 2.49
CA LEU A 816 -17.46 20.42 1.35
C LEU A 816 -16.75 19.53 0.35
N GLU A 817 -17.27 18.32 0.13
CA GLU A 817 -16.68 17.35 -0.80
C GLU A 817 -17.45 17.35 -2.11
N ARG A 818 -16.79 16.95 -3.20
CA ARG A 818 -17.44 16.86 -4.52
C ARG A 818 -16.94 15.65 -5.32
N TYR A 819 -17.85 14.99 -6.03
CA TYR A 819 -17.54 13.86 -6.91
C TYR A 819 -18.00 14.13 -8.34
N ASN A 820 -17.14 13.77 -9.31
CA ASN A 820 -17.31 14.10 -10.72
C ASN A 820 -17.96 15.47 -11.00
N GLY A 821 -17.30 16.53 -10.55
CA GLY A 821 -17.73 17.89 -10.81
C GLY A 821 -19.12 18.23 -10.29
N LEU A 822 -19.50 17.63 -9.17
CA LEU A 822 -20.82 17.83 -8.57
C LEU A 822 -20.73 17.71 -7.04
N PRO A 823 -21.52 18.50 -6.30
CA PRO A 823 -21.52 18.39 -4.84
C PRO A 823 -21.85 16.97 -4.35
N SER A 824 -21.24 16.55 -3.25
CA SER A 824 -21.33 15.16 -2.79
C SER A 824 -20.80 14.96 -1.36
N MET A 825 -21.15 13.83 -0.76
CA MET A 825 -20.66 13.46 0.56
C MET A 825 -20.30 11.98 0.63
N GLU A 826 -19.10 11.67 1.11
CA GLU A 826 -18.63 10.29 1.22
C GLU A 826 -19.34 9.58 2.37
N ILE A 827 -19.63 8.30 2.14
CA ILE A 827 -20.29 7.44 3.12
C ILE A 827 -19.46 6.18 3.27
N LEU A 828 -19.01 5.90 4.49
CA LEU A 828 -18.17 4.76 4.79
C LEU A 828 -18.91 3.75 5.65
N GLY A 829 -19.51 2.76 4.99
CA GLY A 829 -20.16 1.66 5.69
C GLY A 829 -19.34 0.39 5.58
N GLN A 830 -19.87 -0.69 6.14
CA GLN A 830 -19.22 -2.00 6.11
C GLN A 830 -20.27 -3.10 6.15
N ALA A 831 -20.09 -4.10 5.29
CA ALA A 831 -20.99 -5.25 5.23
C ALA A 831 -21.14 -5.93 6.58
N ALA A 832 -22.23 -6.67 6.74
CA ALA A 832 -22.58 -7.29 8.03
C ALA A 832 -21.55 -8.32 8.48
N PRO A 833 -21.63 -8.74 9.74
CA PRO A 833 -20.86 -9.90 10.21
C PRO A 833 -21.34 -11.21 9.57
N GLY A 834 -22.59 -11.24 9.11
CA GLY A 834 -23.14 -12.37 8.36
C GLY A 834 -22.97 -12.20 6.86
N LYS A 835 -23.61 -11.17 6.30
CA LYS A 835 -23.51 -10.84 4.88
C LYS A 835 -22.09 -10.44 4.46
N SER A 836 -21.88 -10.24 3.15
CA SER A 836 -20.56 -9.84 2.65
C SER A 836 -20.59 -9.18 1.26
N THR A 837 -20.68 -7.85 1.25
CA THR A 837 -20.32 -6.99 0.12
C THR A 837 -21.30 -7.00 -1.06
N GLY A 838 -21.28 -8.06 -1.87
CA GLY A 838 -22.19 -8.18 -3.00
C GLY A 838 -23.66 -7.97 -2.62
N GLU A 839 -24.02 -8.41 -1.42
CA GLU A 839 -25.38 -8.24 -0.91
C GLU A 839 -25.58 -6.87 -0.25
N ALA A 840 -24.57 -6.40 0.49
CA ALA A 840 -24.65 -5.14 1.24
C ALA A 840 -24.77 -3.92 0.32
N MET A 841 -23.96 -3.90 -0.74
CA MET A 841 -23.98 -2.83 -1.73
C MET A 841 -25.33 -2.74 -2.43
N GLU A 842 -25.91 -3.88 -2.79
CA GLU A 842 -27.17 -3.92 -3.52
C GLU A 842 -28.39 -3.67 -2.62
N LEU A 843 -28.22 -3.83 -1.31
CA LEU A 843 -29.27 -3.52 -0.33
C LEU A 843 -29.02 -2.14 0.29
N MET A 844 -28.09 -1.39 -0.30
CA MET A 844 -27.95 0.05 -0.07
C MET A 844 -28.39 0.84 -1.31
N GLU A 845 -28.45 0.17 -2.47
CA GLU A 845 -28.88 0.80 -3.72
C GLU A 845 -30.37 1.13 -3.73
N GLN A 846 -31.18 0.20 -3.22
CA GLN A 846 -32.64 0.40 -3.14
C GLN A 846 -33.04 1.42 -2.05
N LEU A 847 -32.12 1.74 -1.13
CA LEU A 847 -32.35 2.78 -0.13
C LEU A 847 -32.06 4.16 -0.72
N ALA A 848 -31.10 4.23 -1.64
CA ALA A 848 -30.72 5.47 -2.29
C ALA A 848 -31.76 5.94 -3.32
N SER A 849 -32.38 4.98 -3.99
CA SER A 849 -33.44 5.28 -4.96
C SER A 849 -34.77 5.64 -4.29
N LYS A 850 -34.87 5.38 -2.98
CA LYS A 850 -36.06 5.72 -2.19
C LYS A 850 -35.97 7.12 -1.56
N LEU A 851 -35.03 7.94 -2.03
CA LEU A 851 -34.77 9.26 -1.47
C LEU A 851 -35.38 10.35 -2.37
N PRO A 852 -35.39 11.62 -1.92
CA PRO A 852 -36.00 12.72 -2.69
C PRO A 852 -35.42 12.93 -4.09
N THR A 853 -36.08 13.79 -4.86
CA THR A 853 -35.71 14.06 -6.25
C THR A 853 -34.40 14.84 -6.34
N GLY A 854 -33.63 14.57 -7.39
CA GLY A 854 -32.35 15.21 -7.59
C GLY A 854 -31.26 14.67 -6.69
N VAL A 855 -31.35 13.39 -6.33
CA VAL A 855 -30.38 12.75 -5.44
C VAL A 855 -30.13 11.32 -5.94
N GLY A 856 -29.04 11.15 -6.69
CA GLY A 856 -28.62 9.85 -7.19
C GLY A 856 -27.48 9.28 -6.36
N TYR A 857 -26.65 8.44 -7.00
CA TYR A 857 -25.48 7.87 -6.34
C TYR A 857 -24.42 7.35 -7.31
N ASP A 858 -23.23 7.10 -6.78
CA ASP A 858 -22.09 6.58 -7.53
C ASP A 858 -21.03 6.03 -6.58
N TRP A 859 -20.41 4.92 -6.95
CA TRP A 859 -19.47 4.24 -6.07
C TRP A 859 -18.04 4.76 -6.20
N THR A 860 -17.66 5.67 -5.30
CA THR A 860 -16.25 5.97 -5.04
C THR A 860 -15.74 4.72 -4.35
N GLY A 861 -14.57 4.19 -4.71
CA GLY A 861 -13.52 4.91 -5.43
C GLY A 861 -12.25 4.04 -5.44
N SER A 863 -13.72 0.51 -4.27
CA SER A 863 -14.60 -0.53 -3.75
C SER A 863 -15.69 -0.67 -4.81
N TYR A 864 -15.32 -1.12 -6.02
CA TYR A 864 -14.09 -1.86 -6.29
C TYR A 864 -13.61 -1.58 -7.72
N GLN A 865 -13.63 -2.62 -8.56
CA GLN A 865 -13.95 -2.50 -9.99
C GLN A 865 -14.36 -3.88 -10.52
N GLU A 866 -13.56 -4.90 -10.18
CA GLU A 866 -14.04 -6.31 -10.13
C GLU A 866 -13.09 -7.17 -9.29
N ARG A 867 -13.65 -7.85 -8.29
CA ARG A 867 -12.83 -8.54 -7.27
C ARG A 867 -12.49 -10.01 -7.62
N LEU A 868 -12.24 -10.82 -6.60
CA LEU A 868 -11.25 -11.90 -6.67
C LEU A 868 -11.86 -13.26 -6.32
N SER A 869 -12.66 -13.31 -5.26
CA SER A 869 -13.74 -14.30 -5.22
C SER A 869 -14.91 -14.16 -6.21
N GLY A 870 -15.06 -12.95 -6.75
CA GLY A 870 -16.18 -12.60 -7.61
C GLY A 870 -16.04 -13.15 -9.02
N ASN A 871 -16.19 -12.27 -10.01
CA ASN A 871 -16.15 -12.68 -11.41
C ASN A 871 -14.78 -13.19 -11.90
N GLN A 872 -13.72 -12.93 -11.13
CA GLN A 872 -12.39 -13.40 -11.47
C GLN A 872 -12.23 -14.90 -11.20
N ALA A 873 -12.09 -15.30 -9.94
CA ALA A 873 -11.70 -16.67 -9.57
C ALA A 873 -12.33 -17.78 -10.43
N PRO A 874 -13.67 -17.87 -10.47
CA PRO A 874 -14.37 -18.67 -11.48
C PRO A 874 -13.67 -18.70 -12.86
N SER A 875 -14.07 -17.83 -13.80
CA SER A 875 -13.30 -17.58 -15.04
C SER A 875 -11.85 -18.09 -15.10
N LEU A 876 -11.08 -17.87 -14.03
CA LEU A 876 -9.71 -18.36 -13.95
C LEU A 876 -9.65 -19.89 -13.92
N TYR A 877 -10.18 -20.49 -12.86
CA TYR A 877 -10.28 -21.96 -12.75
C TYR A 877 -10.97 -22.56 -13.96
N ALA A 878 -12.11 -21.98 -14.34
CA ALA A 878 -12.87 -22.37 -15.52
C ALA A 878 -11.97 -22.61 -16.74
N ILE A 879 -11.16 -21.62 -17.08
CA ILE A 879 -10.23 -21.70 -18.21
C ILE A 879 -9.15 -22.73 -17.89
N SER A 880 -8.56 -22.59 -16.71
CA SER A 880 -7.57 -23.53 -16.18
C SER A 880 -7.96 -25.02 -16.25
N LEU A 881 -9.24 -25.31 -16.47
CA LEU A 881 -9.69 -26.68 -16.71
C LEU A 881 -9.70 -26.98 -18.21
N ILE A 882 -10.36 -26.10 -18.99
CA ILE A 882 -10.43 -26.26 -20.46
C ILE A 882 -9.05 -26.50 -21.09
N VAL A 883 -8.00 -25.99 -20.47
CA VAL A 883 -6.62 -26.39 -20.78
C VAL A 883 -6.43 -27.77 -20.10
N VAL A 884 -5.43 -27.96 -19.25
CA VAL A 884 -5.31 -29.16 -18.38
C VAL A 884 -5.85 -30.48 -18.97
N PHE A 885 -7.16 -30.54 -19.21
CA PHE A 885 -7.78 -31.59 -20.03
C PHE A 885 -7.08 -31.74 -21.39
N LEU A 886 -6.61 -30.61 -21.94
CA LEU A 886 -5.73 -30.59 -23.11
C LEU A 886 -4.31 -30.80 -22.59
N CYS A 887 -3.38 -31.16 -23.48
CA CYS A 887 -2.04 -31.60 -23.07
C CYS A 887 -2.14 -32.89 -22.22
N LEU A 888 -3.35 -33.42 -22.12
CA LEU A 888 -3.65 -34.73 -21.53
C LEU A 888 -4.47 -35.38 -22.63
N ALA A 889 -3.86 -35.43 -23.80
CA ALA A 889 -4.54 -35.57 -25.08
C ALA A 889 -3.50 -35.25 -26.16
N ALA A 890 -2.77 -34.16 -25.96
CA ALA A 890 -1.61 -33.82 -26.80
C ALA A 890 -0.42 -34.75 -26.55
N LEU A 891 -0.49 -35.57 -25.49
CA LEU A 891 0.51 -36.59 -25.20
C LEU A 891 -0.12 -37.97 -24.90
N TYR A 892 -1.42 -38.14 -25.16
CA TYR A 892 -2.16 -39.28 -24.60
C TYR A 892 -3.16 -39.99 -25.53
N GLU A 893 -4.08 -39.23 -26.12
CA GLU A 893 -5.26 -39.74 -26.87
C GLU A 893 -6.13 -40.79 -26.15
N SER A 894 -7.40 -40.44 -25.96
CA SER A 894 -8.40 -41.32 -25.34
C SER A 894 -9.74 -40.58 -25.22
N TRP A 895 -10.53 -40.96 -24.22
CA TRP A 895 -11.46 -40.05 -23.53
C TRP A 895 -11.68 -40.68 -22.14
N SER A 896 -10.57 -40.87 -21.44
CA SER A 896 -10.54 -41.58 -20.15
C SER A 896 -9.33 -41.17 -19.31
N ILE A 897 -8.16 -41.13 -19.95
CA ILE A 897 -6.93 -40.61 -19.34
C ILE A 897 -7.16 -39.31 -18.56
N PRO A 898 -7.76 -38.29 -19.18
CA PRO A 898 -7.87 -36.98 -18.55
C PRO A 898 -8.91 -36.94 -17.44
N PHE A 899 -10.03 -37.64 -17.63
CA PHE A 899 -11.07 -37.73 -16.60
C PHE A 899 -10.56 -38.44 -15.35
N SER A 900 -9.45 -39.17 -15.48
CA SER A 900 -8.78 -39.76 -14.32
C SER A 900 -8.10 -38.66 -13.50
N VAL A 901 -7.28 -37.86 -14.19
CA VAL A 901 -6.64 -36.69 -13.60
C VAL A 901 -7.64 -35.60 -13.16
N MET A 902 -8.79 -35.55 -13.83
CA MET A 902 -9.77 -34.46 -13.61
C MET A 902 -10.72 -34.74 -12.43
N LEU A 903 -10.40 -35.76 -11.62
CA LEU A 903 -11.04 -35.90 -10.31
C LEU A 903 -10.04 -36.26 -9.18
N VAL A 904 -8.74 -36.03 -9.40
CA VAL A 904 -7.78 -35.93 -8.29
C VAL A 904 -7.85 -34.50 -7.76
N VAL A 905 -8.33 -33.58 -8.62
CA VAL A 905 -8.59 -32.19 -8.24
C VAL A 905 -9.19 -32.04 -6.84
N PRO A 906 -10.36 -32.65 -6.57
CA PRO A 906 -10.99 -32.50 -5.26
C PRO A 906 -10.36 -33.37 -4.15
N LEU A 907 -9.61 -34.40 -4.51
CA LEU A 907 -8.90 -35.23 -3.53
C LEU A 907 -8.06 -34.39 -2.60
N GLY A 908 -7.04 -33.71 -3.15
CA GLY A 908 -6.17 -32.87 -2.36
C GLY A 908 -6.84 -31.61 -1.83
N VAL A 909 -7.77 -31.06 -2.62
CA VAL A 909 -8.47 -29.82 -2.27
C VAL A 909 -9.15 -29.88 -0.89
N ILE A 910 -9.83 -30.98 -0.59
CA ILE A 910 -10.60 -31.10 0.66
C ILE A 910 -9.75 -30.87 1.91
N GLY A 911 -8.53 -31.43 1.92
CA GLY A 911 -7.63 -31.26 3.05
C GLY A 911 -7.10 -29.85 3.15
N ALA A 912 -6.85 -29.21 2.01
CA ALA A 912 -6.41 -27.82 1.96
C ALA A 912 -7.46 -26.89 2.57
N LEU A 913 -8.74 -27.20 2.35
CA LEU A 913 -9.83 -26.50 3.02
C LEU A 913 -9.78 -26.84 4.50
N LEU A 914 -10.31 -28.01 4.89
CA LEU A 914 -10.17 -28.55 6.25
C LEU A 914 -9.21 -27.75 7.14
N ALA A 915 -7.92 -27.80 6.81
CA ALA A 915 -6.87 -27.09 7.57
C ALA A 915 -7.13 -25.59 7.73
N ALA A 916 -7.33 -24.90 6.61
CA ALA A 916 -7.71 -23.47 6.62
C ALA A 916 -9.03 -23.20 7.34
N THR A 917 -9.99 -24.12 7.19
CA THR A 917 -11.29 -24.02 7.87
C THR A 917 -11.22 -24.34 9.37
N PHE A 918 -10.18 -25.07 9.77
CA PHE A 918 -10.03 -25.56 11.14
C PHE A 918 -9.28 -24.54 12.01
N ARG A 919 -7.98 -24.37 11.73
CA ARG A 919 -7.23 -23.24 12.28
C ARG A 919 -7.86 -21.96 11.74
N GLY A 920 -7.74 -20.86 12.49
CA GLY A 920 -8.49 -19.65 12.20
C GLY A 920 -7.97 -18.77 11.07
N LEU A 921 -7.71 -19.37 9.90
CA LEU A 921 -7.32 -18.62 8.70
C LEU A 921 -8.55 -18.44 7.81
N THR A 922 -8.35 -18.14 6.53
CA THR A 922 -9.45 -17.80 5.63
C THR A 922 -9.07 -17.91 4.14
N ASN A 923 -10.09 -17.91 3.28
CA ASN A 923 -9.89 -17.91 1.83
C ASN A 923 -9.42 -16.54 1.33
N ASP A 924 -8.11 -16.31 1.44
CA ASP A 924 -7.49 -15.06 0.98
C ASP A 924 -6.64 -15.36 -0.25
N VAL A 925 -5.61 -14.57 -0.53
CA VAL A 925 -4.78 -14.77 -1.72
C VAL A 925 -3.88 -15.98 -1.55
N TYR A 926 -3.13 -16.01 -0.44
CA TYR A 926 -2.15 -17.06 -0.18
C TYR A 926 -2.72 -18.47 -0.20
N PHE A 927 -3.96 -18.63 0.28
CA PHE A 927 -4.64 -19.92 0.22
C PHE A 927 -5.15 -20.20 -1.21
N GLN A 928 -5.54 -19.14 -1.91
CA GLN A 928 -5.99 -19.23 -3.29
C GLN A 928 -4.86 -19.45 -4.31
N VAL A 929 -3.63 -19.70 -3.84
CA VAL A 929 -2.52 -20.06 -4.74
C VAL A 929 -1.83 -21.38 -4.36
N GLY A 930 -1.92 -21.76 -3.08
CA GLY A 930 -1.61 -23.12 -2.67
C GLY A 930 -2.68 -24.07 -3.19
N LEU A 931 -3.85 -23.52 -3.47
CA LEU A 931 -4.95 -24.25 -4.11
C LEU A 931 -4.56 -24.74 -5.50
N LEU A 932 -3.89 -23.89 -6.27
CA LEU A 932 -3.51 -24.22 -7.65
C LEU A 932 -2.19 -24.98 -7.73
N THR A 933 -1.36 -24.84 -6.68
CA THR A 933 -0.12 -25.61 -6.56
C THR A 933 -0.41 -27.08 -6.24
N THR A 934 -1.70 -27.42 -6.06
CA THR A 934 -2.10 -28.73 -5.56
C THR A 934 -2.55 -29.58 -6.74
N ILE A 935 -3.55 -29.07 -7.49
CA ILE A 935 -3.87 -29.60 -8.83
C ILE A 935 -2.60 -29.92 -9.62
N GLY A 936 -1.58 -29.07 -9.49
CA GLY A 936 -0.30 -29.30 -10.15
C GLY A 936 0.47 -30.47 -9.59
N LEU A 937 0.53 -30.56 -8.26
CA LEU A 937 1.20 -31.69 -7.58
C LEU A 937 0.36 -32.96 -7.56
N SER A 938 -0.94 -32.84 -7.83
CA SER A 938 -1.83 -34.00 -7.85
C SER A 938 -1.74 -34.60 -9.23
N ALA A 939 -2.01 -33.79 -10.25
CA ALA A 939 -1.72 -34.14 -11.64
C ALA A 939 -0.41 -34.92 -11.72
N LYS A 940 0.67 -34.33 -11.22
CA LYS A 940 1.97 -35.00 -11.19
C LYS A 940 1.85 -36.41 -10.62
N ASN A 941 1.60 -36.52 -9.31
CA ASN A 941 1.52 -37.81 -8.63
C ASN A 941 0.60 -38.81 -9.34
N ALA A 942 -0.62 -38.35 -9.65
CA ALA A 942 -1.56 -39.12 -10.48
C ALA A 942 -0.96 -39.51 -11.83
N ILE A 943 -0.79 -38.55 -12.74
CA ILE A 943 -0.14 -38.80 -14.04
C ILE A 943 1.01 -39.82 -13.99
N LEU A 944 1.77 -39.88 -12.89
CA LEU A 944 2.78 -40.93 -12.73
C LEU A 944 2.10 -42.30 -12.74
N ILE A 945 1.06 -42.44 -11.90
CA ILE A 945 0.17 -43.61 -11.94
C ILE A 945 -0.29 -43.97 -13.35
N VAL A 946 -0.76 -42.96 -14.09
CA VAL A 946 -1.34 -43.17 -15.42
C VAL A 946 -0.28 -43.52 -16.45
N GLU A 947 0.66 -42.60 -16.67
CA GLU A 947 1.73 -42.79 -17.67
C GLU A 947 2.46 -44.13 -17.55
N PHE A 948 2.92 -44.48 -16.35
CA PHE A 948 3.65 -45.73 -16.12
C PHE A 948 2.79 -46.98 -16.35
N ALA A 949 1.50 -46.88 -16.03
CA ALA A 949 0.59 -48.01 -16.17
C ALA A 949 0.06 -48.17 -17.59
N LYS A 950 0.03 -47.07 -18.35
CA LYS A 950 -0.48 -47.09 -19.73
C LYS A 950 0.69 -47.27 -20.70
N ASP A 951 1.91 -47.12 -20.19
CA ASP A 951 3.10 -47.65 -20.83
C ASP A 951 2.95 -49.17 -20.80
N LEU A 952 2.85 -49.73 -19.59
CA LEU A 952 2.71 -51.17 -19.42
C LEU A 952 1.57 -51.72 -20.26
N MET A 953 0.36 -51.23 -20.02
CA MET A 953 -0.85 -51.63 -20.77
C MET A 953 -0.62 -51.75 -22.27
N ASP A 954 0.00 -50.73 -22.86
CA ASP A 954 0.32 -50.74 -24.30
C ASP A 954 1.64 -51.51 -24.52
N LYS A 955 2.66 -50.84 -25.03
CA LYS A 955 4.01 -51.44 -25.22
C LYS A 955 4.20 -52.87 -24.70
N GLU A 956 4.05 -53.06 -23.38
CA GLU A 956 4.20 -54.39 -22.76
C GLU A 956 2.92 -55.23 -22.92
N GLY A 957 2.37 -55.77 -21.81
CA GLY A 957 1.15 -56.57 -21.83
C GLY A 957 -0.06 -55.80 -21.35
N LYS A 958 -1.23 -56.43 -21.42
CA LYS A 958 -2.50 -55.76 -21.08
C LYS A 958 -2.55 -55.32 -19.61
N GLY A 959 -2.73 -56.27 -18.70
CA GLY A 959 -3.00 -55.95 -17.31
C GLY A 959 -4.30 -55.18 -17.19
N LEU A 960 -5.41 -55.88 -17.40
CA LEU A 960 -6.75 -55.29 -17.29
C LEU A 960 -6.89 -54.53 -15.96
N ILE A 961 -6.57 -55.20 -14.87
CA ILE A 961 -6.36 -54.55 -13.58
C ILE A 961 -4.97 -54.87 -13.00
N GLU A 962 -4.17 -55.62 -13.76
CA GLU A 962 -2.83 -56.03 -13.33
C GLU A 962 -1.71 -55.24 -14.03
N ALA A 963 -2.05 -54.07 -14.57
CA ALA A 963 -1.06 -53.10 -15.07
C ALA A 963 -1.16 -51.80 -14.26
N THR A 964 -2.37 -51.43 -13.86
CA THR A 964 -2.57 -50.36 -12.90
C THR A 964 -1.95 -50.72 -11.55
N LEU A 965 -2.01 -51.99 -11.19
CA LEU A 965 -1.39 -52.50 -9.97
C LEU A 965 0.12 -52.65 -10.14
N ASP A 966 0.53 -53.29 -11.24
CA ASP A 966 1.95 -53.53 -11.52
C ASP A 966 2.76 -52.25 -11.61
N ALA A 967 2.10 -51.14 -11.98
CA ALA A 967 2.73 -49.83 -12.04
C ALA A 967 2.94 -49.30 -10.63
N VAL A 968 1.87 -49.29 -9.83
CA VAL A 968 1.97 -49.01 -8.39
C VAL A 968 3.07 -49.62 -7.51
N ARG A 969 2.90 -50.90 -7.18
CA ARG A 969 4.03 -51.80 -6.93
C ARG A 969 5.40 -51.12 -7.12
N MET A 970 5.65 -50.60 -8.32
CA MET A 970 6.94 -50.00 -8.67
C MET A 970 6.92 -48.46 -8.84
N ARG A 971 6.44 -47.74 -7.81
CA ARG A 971 6.60 -46.27 -7.72
C ARG A 971 5.80 -45.55 -6.62
N LEU A 972 5.39 -46.26 -5.57
CA LEU A 972 4.92 -45.60 -4.35
C LEU A 972 6.12 -44.89 -3.70
N ARG A 973 7.33 -45.34 -4.08
CA ARG A 973 8.58 -44.68 -3.69
C ARG A 973 8.59 -43.15 -3.97
N PRO A 974 8.65 -42.72 -5.24
CA PRO A 974 8.78 -41.29 -5.56
C PRO A 974 7.61 -40.39 -5.15
N ILE A 975 6.42 -40.94 -4.97
CA ILE A 975 5.27 -40.16 -4.48
C ILE A 975 5.47 -39.79 -3.02
N LEU A 976 5.80 -40.79 -2.20
CA LEU A 976 5.99 -40.59 -0.76
C LEU A 976 7.41 -40.10 -0.41
N MET A 977 8.28 -40.03 -1.42
CA MET A 977 9.64 -39.53 -1.26
C MET A 977 9.62 -38.01 -1.49
N THR A 978 8.91 -37.60 -2.54
CA THR A 978 8.67 -36.19 -2.82
C THR A 978 7.75 -35.56 -1.80
N SER A 979 6.48 -35.94 -1.80
CA SER A 979 5.46 -35.33 -0.94
C SER A 979 5.89 -35.14 0.51
N LEU A 980 6.59 -36.12 1.07
CA LEU A 980 7.09 -36.02 2.44
C LEU A 980 8.30 -35.07 2.51
N ALA A 981 9.10 -35.02 1.45
CA ALA A 981 10.13 -33.98 1.27
C ALA A 981 9.53 -32.59 0.99
N PHE A 982 8.31 -32.55 0.44
CA PHE A 982 7.40 -31.40 0.54
C PHE A 982 7.05 -31.41 2.03
N ILE A 983 5.90 -30.86 2.44
CA ILE A 983 5.45 -31.00 3.83
C ILE A 983 6.51 -30.53 4.83
N LEU A 984 7.55 -31.35 5.03
CA LEU A 984 8.76 -30.99 5.78
C LEU A 984 9.44 -29.71 5.28
N GLY A 985 9.50 -29.53 3.96
CA GLY A 985 9.99 -28.28 3.39
C GLY A 985 9.01 -27.13 3.61
N VAL A 986 7.72 -27.46 3.62
CA VAL A 986 6.64 -26.52 3.94
C VAL A 986 6.53 -26.26 5.46
N MET A 987 7.22 -27.06 6.28
CA MET A 987 7.06 -27.04 7.74
C MET A 987 7.38 -25.70 8.43
N PRO A 988 8.46 -25.01 8.04
CA PRO A 988 8.88 -23.81 8.77
C PRO A 988 8.02 -22.55 8.52
N LEU A 989 7.00 -22.66 7.67
CA LEU A 989 6.07 -21.55 7.41
C LEU A 989 4.74 -21.74 8.13
N VAL A 990 4.36 -23.00 8.39
CA VAL A 990 3.06 -23.33 8.97
C VAL A 990 2.98 -22.79 10.40
N ILE A 991 3.98 -23.12 11.19
CA ILE A 991 4.30 -22.37 12.42
C ILE A 991 5.81 -22.15 12.44
N SER A 992 6.49 -22.37 13.57
CA SER A 992 7.94 -22.15 13.69
C SER A 992 8.29 -20.65 13.60
N THR A 993 8.21 -20.08 12.39
CA THR A 993 8.12 -18.63 12.23
C THR A 993 6.73 -18.20 12.70
N GLY A 994 6.67 -17.09 13.46
CA GLY A 994 5.40 -16.64 14.00
C GLY A 994 5.33 -15.16 14.34
N ALA A 995 5.94 -14.31 13.52
CA ALA A 995 5.85 -12.84 13.66
C ALA A 995 6.65 -12.02 12.64
N GLY A 996 7.63 -12.64 11.98
CA GLY A 996 8.36 -11.98 10.91
C GLY A 996 7.43 -11.71 9.73
N SER A 997 6.79 -12.76 9.25
CA SER A 997 5.73 -12.65 8.27
C SER A 997 4.62 -13.66 8.60
N GLY A 998 3.47 -13.15 9.05
CA GLY A 998 2.28 -13.96 9.23
C GLY A 998 1.72 -14.52 7.93
N ALA A 999 2.21 -14.03 6.80
CA ALA A 999 1.86 -14.55 5.48
C ALA A 999 2.36 -15.98 5.29
N GLN A 1000 3.52 -16.30 5.87
CA GLN A 1000 4.05 -17.66 5.88
C GLN A 1000 3.02 -18.68 6.37
N ASN A 1001 2.27 -18.31 7.41
CA ASN A 1001 1.23 -19.17 7.96
C ASN A 1001 0.03 -19.31 7.02
N ALA A 1002 -0.31 -18.24 6.31
CA ALA A 1002 -1.40 -18.25 5.33
C ALA A 1002 -1.14 -19.19 4.14
N VAL A 1003 0.14 -19.35 3.78
CA VAL A 1003 0.50 -20.18 2.63
C VAL A 1003 0.56 -21.65 3.00
N GLY A 1004 1.47 -21.98 3.91
CA GLY A 1004 1.77 -23.37 4.27
C GLY A 1004 0.62 -24.15 4.90
N THR A 1005 -0.31 -23.45 5.55
CA THR A 1005 -1.43 -24.12 6.22
C THR A 1005 -2.44 -24.70 5.22
N GLY A 1006 -2.52 -24.10 4.03
CA GLY A 1006 -3.42 -24.56 2.98
C GLY A 1006 -2.74 -25.39 1.89
N VAL A 1007 -1.67 -26.09 2.25
CA VAL A 1007 -0.98 -27.02 1.34
C VAL A 1007 -0.55 -28.28 2.10
N MET A 1008 -0.02 -28.08 3.31
CA MET A 1008 0.05 -29.15 4.32
C MET A 1008 -1.28 -29.90 4.39
N GLY A 1009 -2.37 -29.14 4.39
CA GLY A 1009 -3.71 -29.70 4.34
C GLY A 1009 -3.92 -30.49 3.05
N GLY A 1010 -3.60 -29.88 1.92
CA GLY A 1010 -3.74 -30.52 0.62
C GLY A 1010 -2.53 -31.32 0.16
N MET A 1011 -1.81 -31.92 1.10
CA MET A 1011 -0.75 -32.88 0.79
C MET A 1011 -0.84 -34.11 1.71
N VAL A 1012 -1.20 -33.86 2.97
CA VAL A 1012 -1.72 -34.90 3.86
C VAL A 1012 -2.86 -35.67 3.17
N THR A 1013 -3.75 -34.91 2.54
CA THR A 1013 -4.95 -35.47 1.90
C THR A 1013 -4.76 -35.59 0.38
N ALA A 1014 -3.50 -35.71 -0.05
CA ALA A 1014 -3.17 -35.77 -1.48
C ALA A 1014 -2.37 -37.03 -1.83
N THR A 1015 -1.53 -37.50 -0.91
CA THR A 1015 -0.84 -38.78 -1.08
C THR A 1015 -1.53 -39.87 -0.27
N VAL A 1016 -1.94 -39.56 0.96
CA VAL A 1016 -2.68 -40.51 1.78
C VAL A 1016 -4.16 -40.46 1.36
N LEU A 1017 -4.40 -40.85 0.10
CA LEU A 1017 -5.70 -40.70 -0.56
C LEU A 1017 -5.56 -41.03 -2.05
N ALA A 1018 -4.66 -40.34 -2.73
CA ALA A 1018 -4.41 -40.57 -4.16
C ALA A 1018 -3.58 -41.84 -4.41
N ILE A 1019 -2.86 -42.30 -3.38
CA ILE A 1019 -2.13 -43.55 -3.44
C ILE A 1019 -3.01 -44.70 -2.93
N PHE A 1020 -4.31 -44.45 -2.78
CA PHE A 1020 -5.15 -45.25 -1.89
C PHE A 1020 -6.65 -45.12 -2.18
N PHE A 1021 -7.46 -45.65 -1.25
CA PHE A 1021 -8.91 -45.42 -1.16
C PHE A 1021 -9.59 -44.84 -2.40
N VAL A 1022 -9.46 -43.53 -2.57
CA VAL A 1022 -10.26 -42.77 -3.52
C VAL A 1022 -9.40 -42.50 -4.77
N PRO A 1023 -10.04 -42.38 -5.94
CA PRO A 1023 -9.48 -42.77 -7.24
C PRO A 1023 -7.96 -42.97 -7.42
N VAL A 1024 -7.44 -42.48 -8.54
CA VAL A 1024 -6.05 -42.67 -8.96
C VAL A 1024 -5.64 -44.15 -9.03
N PHE A 1025 -6.62 -44.97 -9.41
CA PHE A 1025 -6.52 -46.44 -9.52
C PHE A 1025 -7.93 -46.88 -9.87
N PHE A 1026 -8.87 -46.45 -9.03
CA PHE A 1026 -10.30 -46.58 -9.31
C PHE A 1026 -10.70 -45.80 -10.56
N VAL A 1027 -10.14 -44.61 -10.76
CA VAL A 1027 -10.41 -43.84 -11.97
C VAL A 1027 -10.14 -44.69 -13.21
N VAL A 1028 -8.86 -44.91 -13.53
CA VAL A 1028 -8.51 -45.55 -14.80
C VAL A 1028 -9.31 -46.83 -15.03
N VAL A 1029 -9.64 -47.55 -13.95
CA VAL A 1029 -10.48 -48.73 -14.03
C VAL A 1029 -11.82 -48.45 -14.76
N ARG A 1030 -12.67 -47.61 -14.18
CA ARG A 1030 -14.00 -47.36 -14.76
C ARG A 1030 -14.01 -46.48 -16.02
N ARG A 1031 -12.99 -45.62 -16.19
CA ARG A 1031 -12.99 -44.63 -17.26
C ARG A 1031 -12.44 -45.24 -18.55
N ARG A 1032 -11.24 -45.81 -18.46
CA ARG A 1032 -10.58 -46.45 -19.60
C ARG A 1032 -11.24 -47.78 -19.97
N PHE A 1033 -11.42 -48.65 -18.98
CA PHE A 1033 -12.02 -49.98 -19.20
C PHE A 1033 -13.54 -49.83 -19.10
N SER A 1034 -14.24 -50.92 -18.72
CA SER A 1034 -15.71 -50.95 -18.61
C SER A 1034 -16.50 -50.86 -19.93
N ARG A 1035 -15.96 -50.16 -20.93
CA ARG A 1035 -16.64 -49.97 -22.22
C ARG A 1035 -15.61 -49.79 -23.35
N LYS A 1036 -15.36 -48.56 -23.79
CA LYS A 1036 -14.33 -48.27 -24.78
C LYS A 1036 -13.15 -47.55 -24.13
C1 ET B . 2.14 -6.37 -16.64
C2 ET B . 2.09 -5.66 -15.44
C3 ET B . 1.38 -4.41 -15.35
C4 ET B . 0.72 -3.89 -16.52
N5 ET B . 0.14 -4.08 -19.02
C6 ET B . 0.21 -4.85 -20.40
C7 ET B . 0.97 -6.79 -21.65
C8 ET B . 1.65 -8.02 -21.80
C9 ET B . 2.26 -8.53 -20.64
C10 ET B . 2.25 -7.87 -19.39
C11 ET B . 0.91 -6.04 -20.37
C12 ET B . 1.56 -6.61 -19.18
C13 ET B . 1.51 -5.85 -17.90
C14 ET B . 0.77 -4.61 -17.83
C15 ET B . -0.46 -4.26 -21.69
C16 ET B . -1.89 -4.51 -22.01
C17 ET B . -2.52 -4.02 -23.19
C18 ET B . -1.81 -3.26 -24.15
C19 ET B . -0.43 -3.00 -23.93
C20 ET B . 0.22 -3.48 -22.75
C21 ET B . -0.65 -2.81 -19.06
C22 ET B . -2.17 -3.05 -18.89
N23 ET B . 1.35 -3.76 -14.12
N24 ET B . 1.70 -8.71 -23.04
C1 ET C . -16.75 6.72 12.92
C2 ET C . -18.12 6.71 13.16
C3 ET C . -18.90 5.51 13.04
C4 ET C . -18.23 4.28 12.68
N5 ET C . -16.08 3.03 12.02
C6 ET C . -14.51 3.00 11.72
C7 ET C . -12.43 4.23 11.60
C8 ET C . -11.62 5.39 11.70
C9 ET C . -12.28 6.57 12.09
C10 ET C . -13.67 6.64 12.34
C11 ET C . -13.89 4.22 11.86
C12 ET C . -14.54 5.49 12.26
C13 ET C . -16.01 5.49 12.51
C14 ET C . -16.75 4.25 12.41
C15 ET C . -13.80 1.69 11.27
C16 ET C . -13.28 0.72 12.26
C17 ET C . -12.59 -0.48 11.89
C18 ET C . -12.35 -0.80 10.54
C19 ET C . -12.80 0.09 9.53
C20 ET C . -13.50 1.29 9.88
C21 ET C . -16.75 1.70 11.88
C22 ET C . -16.61 0.84 13.18
N23 ET C . -20.25 5.56 13.32
N24 ET C . -10.22 5.37 11.43
#